data_8USU
#
_entry.id   8USU
#
_cell.length_a   124.899
_cell.length_b   56.460
_cell.length_c   107.392
_cell.angle_alpha   90.00
_cell.angle_beta   109.89
_cell.angle_gamma   90.00
#
_symmetry.space_group_name_H-M   'C 1 2 1'
#
loop_
_entity.id
_entity.type
_entity.pdbx_description
1 polymer 'L-galactose dehydrogenase isoform X1'
2 non-polymer NICOTINAMIDE-ADENINE-DINUCLEOTIDE
#
_entity_poly.entity_id   1
_entity_poly.type   'polypeptide(L)'
_entity_poly.pdbx_seq_one_letter_code
;MHHHHHHGKPIPNPLLGLDSTENLYFQGIDPFTMWELQMAASPPANLELRPLGSTGLKVSCVGFGASPLGRVFGPVSEDE
AVASVREAFRLGINFFDTSPYYGGTLSEKMLGMALKASGVPRDQYVVSTKCGRYKEGFDFSAERVTRSIDESLERLQLDY
VDILQCHDIEFGSLDQIVNETIPALLKLKQTGKIRFIGITGLPLGIFTYVLDRVPPGSVDVVLSYCHFSINDNTLEDLLP
YLKSKGVGIISASPLAMGLLTEGGPPEWHPAPPELKSACQDAAAFCQKKGKNISKLAMQYSLTNKDISSVLVGMNSVKQV
GENVAAAIELVSAGMDQEMLSEVEAILKPGKNLTWPSGIQQS
;
_entity_poly.pdbx_strand_id   A,B
#
loop_
_chem_comp.id
_chem_comp.type
_chem_comp.name
_chem_comp.formula
NAD non-polymer NICOTINAMIDE-ADENINE-DINUCLEOTIDE 'C21 H27 N7 O14 P2'
#
# COMPACT_ATOMS: atom_id res chain seq x y z
N ASN A 46 -6.28 21.17 2.45
CA ASN A 46 -6.91 21.78 1.28
C ASN A 46 -8.17 21.00 0.89
N LEU A 47 -8.37 19.86 1.54
CA LEU A 47 -9.55 19.04 1.24
C LEU A 47 -10.83 19.75 1.67
N GLU A 48 -11.83 19.72 0.80
CA GLU A 48 -13.08 20.42 1.03
C GLU A 48 -13.94 19.70 2.05
N LEU A 49 -14.59 20.48 2.92
CA LEU A 49 -15.54 19.96 3.89
C LEU A 49 -16.96 20.32 3.45
N ARG A 50 -17.89 19.39 3.66
CA ARG A 50 -19.26 19.59 3.24
C ARG A 50 -20.23 19.44 4.41
N PRO A 51 -21.31 20.21 4.43
CA PRO A 51 -22.29 20.06 5.50
C PRO A 51 -23.02 18.73 5.41
N LEU A 52 -23.28 18.14 6.58
CA LEU A 52 -23.91 16.82 6.67
C LEU A 52 -25.37 17.02 7.10
N GLY A 53 -26.24 17.25 6.11
CA GLY A 53 -27.66 17.38 6.38
C GLY A 53 -27.96 18.47 7.40
N SER A 54 -28.76 18.12 8.40
CA SER A 54 -29.09 19.01 9.50
C SER A 54 -28.31 18.69 10.76
N THR A 55 -27.26 17.87 10.66
CA THR A 55 -26.48 17.50 11.84
C THR A 55 -25.65 18.65 12.39
N GLY A 56 -25.37 19.66 11.58
CA GLY A 56 -24.42 20.68 11.94
C GLY A 56 -22.97 20.26 11.83
N LEU A 57 -22.72 19.01 11.46
CA LEU A 57 -21.36 18.52 11.23
C LEU A 57 -20.88 18.89 9.83
N LYS A 58 -19.58 19.03 9.69
CA LYS A 58 -18.93 19.23 8.40
C LYS A 58 -17.94 18.09 8.17
N VAL A 59 -18.19 17.28 7.15
CA VAL A 59 -17.39 16.11 6.86
C VAL A 59 -16.59 16.35 5.59
N SER A 60 -15.41 15.74 5.52
CA SER A 60 -14.59 15.82 4.33
C SER A 60 -15.27 15.08 3.18
N CYS A 61 -15.16 15.63 1.97
CA CYS A 61 -15.82 15.04 0.81
C CYS A 61 -15.34 13.61 0.56
N VAL A 62 -14.13 13.28 0.98
CA VAL A 62 -13.61 11.92 0.95
C VAL A 62 -13.68 11.36 2.36
N GLY A 63 -14.39 10.25 2.53
CA GLY A 63 -14.51 9.61 3.82
C GLY A 63 -13.62 8.39 3.93
N PHE A 64 -13.12 8.13 5.13
CA PHE A 64 -12.25 7.00 5.38
C PHE A 64 -13.11 5.79 5.75
N GLY A 65 -13.21 4.83 4.83
CA GLY A 65 -13.88 3.60 5.12
C GLY A 65 -12.92 2.57 5.69
N ALA A 66 -13.12 2.20 6.94
CA ALA A 66 -12.20 1.31 7.65
C ALA A 66 -12.50 -0.17 7.40
N SER A 67 -13.32 -0.47 6.39
CA SER A 67 -13.61 -1.86 6.03
C SER A 67 -12.36 -2.70 5.75
N PRO A 68 -11.36 -2.22 4.98
CA PRO A 68 -10.18 -3.06 4.76
C PRO A 68 -9.19 -3.08 5.91
N LEU A 69 -9.38 -2.27 6.94
CA LEU A 69 -8.47 -2.30 8.09
C LEU A 69 -8.60 -3.60 8.87
N GLY A 70 -9.77 -4.25 8.80
CA GLY A 70 -10.00 -5.49 9.52
C GLY A 70 -9.59 -6.75 8.78
N ARG A 71 -8.33 -6.83 8.37
CA ARG A 71 -7.80 -8.04 7.76
C ARG A 71 -6.60 -8.54 8.56
N VAL A 72 -6.26 -9.81 8.33
CA VAL A 72 -5.21 -10.51 9.06
C VAL A 72 -5.31 -10.17 10.55
N PHE A 73 -4.20 -9.77 11.15
CA PHE A 73 -4.10 -9.37 12.56
C PHE A 73 -2.63 -9.14 12.90
N GLY A 74 -2.36 -8.47 14.02
CA GLY A 74 -1.01 -8.35 14.52
C GLY A 74 -0.31 -7.08 14.11
N PRO A 75 0.98 -6.98 14.42
CA PRO A 75 1.71 -5.72 14.23
C PRO A 75 1.62 -5.14 12.83
N VAL A 76 1.62 -5.97 11.79
CA VAL A 76 1.57 -5.52 10.41
C VAL A 76 0.37 -4.62 10.20
N SER A 77 -0.84 -5.21 10.25
CA SER A 77 -2.05 -4.45 10.04
C SER A 77 -2.26 -3.36 11.08
N GLU A 78 -1.65 -3.48 12.27
CA GLU A 78 -1.80 -2.45 13.28
C GLU A 78 -1.02 -1.20 12.91
N ASP A 79 0.20 -1.35 12.42
CA ASP A 79 0.99 -0.20 12.01
C ASP A 79 0.52 0.37 10.68
N GLU A 80 -0.14 -0.44 9.84
CA GLU A 80 -0.74 0.11 8.63
C GLU A 80 -2.01 0.89 8.95
N ALA A 81 -2.76 0.45 9.96
CA ALA A 81 -3.96 1.18 10.37
C ALA A 81 -3.59 2.54 10.97
N VAL A 82 -2.58 2.57 11.84
CA VAL A 82 -2.14 3.83 12.41
C VAL A 82 -1.54 4.73 11.34
N ALA A 83 -0.84 4.14 10.37
CA ALA A 83 -0.19 4.95 9.34
C ALA A 83 -1.21 5.62 8.42
N SER A 84 -2.20 4.86 7.96
CA SER A 84 -3.19 5.42 7.04
C SER A 84 -4.03 6.49 7.71
N VAL A 85 -4.47 6.26 8.94
CA VAL A 85 -5.30 7.25 9.64
C VAL A 85 -4.49 8.51 9.92
N ARG A 86 -3.21 8.36 10.25
CA ARG A 86 -2.34 9.53 10.39
C ARG A 86 -2.25 10.30 9.07
N GLU A 87 -2.14 9.57 7.95
CA GLU A 87 -2.13 10.24 6.65
C GLU A 87 -3.46 10.91 6.36
N ALA A 88 -4.57 10.26 6.71
CA ALA A 88 -5.89 10.85 6.49
C ALA A 88 -6.01 12.18 7.22
N PHE A 89 -5.64 12.20 8.50
CA PHE A 89 -5.67 13.46 9.26
C PHE A 89 -4.71 14.48 8.65
N ARG A 90 -3.56 14.02 8.15
CA ARG A 90 -2.59 14.94 7.57
C ARG A 90 -3.12 15.60 6.31
N LEU A 91 -3.98 14.92 5.56
CA LEU A 91 -4.48 15.42 4.29
C LEU A 91 -5.86 16.07 4.40
N GLY A 92 -6.46 16.07 5.58
CA GLY A 92 -7.71 16.77 5.81
C GLY A 92 -8.93 15.89 5.98
N ILE A 93 -8.78 14.58 5.99
CA ILE A 93 -9.92 13.70 6.19
C ILE A 93 -10.35 13.75 7.66
N ASN A 94 -11.65 13.93 7.89
CA ASN A 94 -12.18 14.02 9.24
C ASN A 94 -13.39 13.11 9.44
N PHE A 95 -13.58 12.12 8.57
CA PHE A 95 -14.77 11.29 8.57
C PHE A 95 -14.34 9.83 8.44
N PHE A 96 -14.71 9.02 9.44
CA PHE A 96 -14.30 7.63 9.50
C PHE A 96 -15.54 6.76 9.75
N ASP A 97 -15.73 5.75 8.90
CA ASP A 97 -16.88 4.87 8.99
C ASP A 97 -16.41 3.42 9.12
N THR A 98 -17.07 2.66 10.00
CA THR A 98 -16.72 1.27 10.25
C THR A 98 -18.00 0.51 10.56
N SER A 99 -17.85 -0.76 10.94
CA SER A 99 -18.96 -1.64 11.31
C SER A 99 -18.41 -2.88 12.00
N PRO A 100 -19.11 -3.40 13.01
CA PRO A 100 -18.65 -4.65 13.66
C PRO A 100 -18.65 -5.84 12.72
N TYR A 101 -19.30 -5.73 11.56
CA TYR A 101 -19.24 -6.80 10.57
C TYR A 101 -17.87 -6.84 9.89
N TYR A 102 -17.23 -5.68 9.72
CA TYR A 102 -15.97 -5.63 9.00
C TYR A 102 -14.88 -6.32 9.82
N GLY A 103 -14.22 -7.30 9.22
CA GLY A 103 -13.18 -8.05 9.91
C GLY A 103 -13.64 -8.86 11.09
N GLY A 104 -14.95 -9.07 11.24
CA GLY A 104 -15.46 -9.79 12.40
C GLY A 104 -15.17 -9.07 13.70
N THR A 105 -15.42 -7.76 13.72
CA THR A 105 -15.20 -6.80 14.80
C THR A 105 -13.75 -6.36 14.87
N LEU A 106 -12.88 -6.81 13.95
CA LEU A 106 -11.47 -6.44 14.01
C LEU A 106 -11.25 -5.02 13.47
N SER A 107 -11.94 -4.65 12.40
CA SER A 107 -11.79 -3.32 11.82
C SER A 107 -12.11 -2.25 12.86
N GLU A 108 -13.14 -2.46 13.67
CA GLU A 108 -13.44 -1.55 14.76
C GLU A 108 -12.27 -1.44 15.74
N LYS A 109 -11.60 -2.56 16.00
CA LYS A 109 -10.47 -2.56 16.94
C LYS A 109 -9.30 -1.78 16.35
N MET A 110 -8.95 -2.06 15.10
CA MET A 110 -7.82 -1.38 14.48
C MET A 110 -8.08 0.12 14.32
N LEU A 111 -9.30 0.49 13.94
CA LEU A 111 -9.65 1.90 13.81
C LEU A 111 -9.54 2.63 15.14
N GLY A 112 -10.06 2.03 16.21
CA GLY A 112 -9.98 2.66 17.51
C GLY A 112 -8.56 2.87 17.98
N MET A 113 -7.70 1.87 17.74
CA MET A 113 -6.29 2.01 18.09
C MET A 113 -5.60 3.07 17.24
N ALA A 114 -5.97 3.16 15.96
CA ALA A 114 -5.37 4.16 15.09
C ALA A 114 -5.85 5.56 15.45
N LEU A 115 -7.14 5.72 15.72
CA LEU A 115 -7.66 7.02 16.13
C LEU A 115 -7.10 7.44 17.48
N LYS A 116 -6.82 6.49 18.37
CA LYS A 116 -6.21 6.82 19.64
C LYS A 116 -4.76 7.26 19.46
N ALA A 117 -4.03 6.60 18.56
CA ALA A 117 -2.64 6.95 18.29
C ALA A 117 -2.50 8.20 17.43
N SER A 118 -3.61 8.81 17.01
CA SER A 118 -3.53 9.98 16.13
C SER A 118 -3.23 11.26 16.90
N GLY A 119 -3.70 11.38 18.14
CA GLY A 119 -3.51 12.61 18.87
C GLY A 119 -4.35 13.78 18.39
N VAL A 120 -5.41 13.51 17.64
CA VAL A 120 -6.28 14.56 17.11
C VAL A 120 -7.45 14.72 18.07
N PRO A 121 -7.83 15.96 18.43
CA PRO A 121 -8.98 16.14 19.32
C PRO A 121 -10.21 15.41 18.82
N ARG A 122 -10.94 14.79 19.75
CA ARG A 122 -12.06 13.93 19.37
C ARG A 122 -13.16 14.70 18.64
N ASP A 123 -13.48 15.90 19.13
CA ASP A 123 -14.55 16.69 18.50
C ASP A 123 -14.16 17.30 17.16
N GLN A 124 -12.98 16.98 16.61
CA GLN A 124 -12.55 17.50 15.32
C GLN A 124 -12.60 16.45 14.22
N TYR A 125 -13.18 15.28 14.48
CA TYR A 125 -13.44 14.31 13.43
C TYR A 125 -14.71 13.57 13.75
N VAL A 126 -15.29 12.94 12.72
CA VAL A 126 -16.60 12.32 12.80
C VAL A 126 -16.43 10.82 12.64
N VAL A 127 -16.98 10.07 13.59
CA VAL A 127 -16.88 8.61 13.61
C VAL A 127 -18.27 8.03 13.39
N SER A 128 -18.36 7.08 12.47
CA SER A 128 -19.61 6.36 12.21
C SER A 128 -19.36 4.87 12.32
N THR A 129 -20.23 4.19 13.07
CA THR A 129 -20.25 2.74 13.13
C THR A 129 -21.68 2.28 12.90
N LYS A 130 -21.86 0.96 12.80
CA LYS A 130 -23.15 0.40 12.45
C LYS A 130 -23.55 -0.66 13.46
N CYS A 131 -24.79 -1.12 13.33
CA CYS A 131 -25.32 -2.17 14.19
C CYS A 131 -26.35 -2.98 13.39
N GLY A 132 -26.67 -4.16 13.91
CA GLY A 132 -27.66 -5.03 13.32
C GLY A 132 -27.07 -6.13 12.45
N ARG A 133 -25.91 -5.90 11.85
CA ARG A 133 -25.23 -6.89 11.03
C ARG A 133 -23.92 -7.29 11.68
N TYR A 134 -23.71 -8.58 11.86
CA TYR A 134 -22.52 -9.11 12.51
C TYR A 134 -22.08 -10.37 11.78
N LYS A 135 -20.91 -10.89 12.15
CA LYS A 135 -20.41 -12.10 11.52
C LYS A 135 -21.29 -13.31 11.80
N GLU A 136 -22.11 -13.26 12.85
CA GLU A 136 -23.00 -14.36 13.17
C GLU A 136 -24.38 -14.20 12.53
N GLY A 137 -24.67 -13.08 11.87
CA GLY A 137 -25.96 -12.89 11.25
C GLY A 137 -26.55 -11.51 11.47
N PHE A 138 -27.87 -11.41 11.42
CA PHE A 138 -28.58 -10.14 11.55
C PHE A 138 -29.42 -10.13 12.82
N ASP A 139 -29.49 -8.97 13.47
CA ASP A 139 -30.29 -8.82 14.69
C ASP A 139 -30.52 -7.31 14.89
N PHE A 140 -31.67 -6.83 14.41
CA PHE A 140 -32.04 -5.42 14.53
C PHE A 140 -32.94 -5.16 15.73
N SER A 141 -33.01 -6.09 16.68
CA SER A 141 -33.85 -5.92 17.85
C SER A 141 -33.35 -4.75 18.71
N ALA A 142 -34.26 -4.23 19.55
CA ALA A 142 -33.89 -3.15 20.45
C ALA A 142 -32.81 -3.60 21.43
N GLU A 143 -32.88 -4.86 21.87
CA GLU A 143 -31.90 -5.37 22.83
C GLU A 143 -30.52 -5.50 22.20
N ARG A 144 -30.46 -5.98 20.95
CA ARG A 144 -29.17 -6.16 20.29
C ARG A 144 -28.47 -4.82 20.03
N VAL A 145 -29.20 -3.85 19.48
CA VAL A 145 -28.59 -2.57 19.16
C VAL A 145 -28.23 -1.79 20.42
N THR A 146 -28.88 -2.09 21.55
CA THR A 146 -28.51 -1.45 22.81
C THR A 146 -27.18 -1.99 23.32
N ARG A 147 -26.95 -3.31 23.16
CA ARG A 147 -25.68 -3.88 23.57
C ARG A 147 -24.58 -3.58 22.57
N SER A 148 -24.93 -3.42 21.28
CA SER A 148 -23.93 -3.28 20.24
C SER A 148 -23.12 -2.00 20.42
N ILE A 149 -23.79 -0.89 20.70
CA ILE A 149 -23.10 0.39 20.85
C ILE A 149 -22.06 0.31 21.96
N ASP A 150 -22.36 -0.43 23.03
CA ASP A 150 -21.39 -0.61 24.10
C ASP A 150 -20.22 -1.47 23.63
N GLU A 151 -20.50 -2.56 22.93
CA GLU A 151 -19.43 -3.39 22.40
C GLU A 151 -18.57 -2.62 21.40
N SER A 152 -19.21 -1.83 20.52
CA SER A 152 -18.47 -1.06 19.54
C SER A 152 -17.59 0.00 20.21
N LEU A 153 -18.15 0.73 21.18
CA LEU A 153 -17.37 1.77 21.87
C LEU A 153 -16.19 1.18 22.61
N GLU A 154 -16.32 -0.03 23.14
CA GLU A 154 -15.19 -0.70 23.77
C GLU A 154 -14.10 -1.00 22.74
N ARG A 155 -14.47 -1.62 21.63
CA ARG A 155 -13.50 -1.92 20.57
C ARG A 155 -12.89 -0.65 19.99
N LEU A 156 -13.71 0.39 19.82
CA LEU A 156 -13.23 1.66 19.28
C LEU A 156 -12.52 2.51 20.31
N GLN A 157 -12.59 2.16 21.59
CA GLN A 157 -11.99 2.94 22.68
C GLN A 157 -12.50 4.38 22.66
N LEU A 158 -13.78 4.54 22.33
CA LEU A 158 -14.41 5.85 22.23
C LEU A 158 -15.47 6.00 23.31
N ASP A 159 -15.74 7.26 23.66
CA ASP A 159 -16.84 7.59 24.56
C ASP A 159 -18.16 7.75 23.83
N TYR A 160 -18.13 7.98 22.52
CA TYR A 160 -19.34 8.15 21.72
C TYR A 160 -18.97 8.03 20.25
N VAL A 161 -19.97 7.68 19.44
CA VAL A 161 -19.88 7.77 17.99
C VAL A 161 -20.82 8.89 17.54
N ASP A 162 -20.41 9.60 16.49
CA ASP A 162 -21.24 10.69 15.99
C ASP A 162 -22.50 10.17 15.33
N ILE A 163 -22.38 9.10 14.54
CA ILE A 163 -23.51 8.49 13.86
C ILE A 163 -23.50 7.00 14.13
N LEU A 164 -24.65 6.45 14.50
CA LEU A 164 -24.87 5.01 14.56
C LEU A 164 -25.94 4.68 13.53
N GLN A 165 -25.60 3.80 12.59
CA GLN A 165 -26.46 3.52 11.45
C GLN A 165 -26.86 2.05 11.43
N CYS A 166 -28.12 1.80 11.04
CA CYS A 166 -28.57 0.44 10.84
C CYS A 166 -27.93 -0.13 9.57
N HIS A 167 -27.29 -1.28 9.70
CA HIS A 167 -26.47 -1.84 8.63
C HIS A 167 -27.31 -2.78 7.77
N ASP A 168 -27.58 -2.36 6.52
CA ASP A 168 -28.26 -3.19 5.52
C ASP A 168 -29.62 -3.66 6.03
N ILE A 169 -30.53 -2.69 6.17
CA ILE A 169 -31.87 -3.00 6.69
C ILE A 169 -32.67 -3.85 5.72
N GLU A 170 -32.26 -3.95 4.46
CA GLU A 170 -32.98 -4.80 3.51
C GLU A 170 -32.90 -6.27 3.87
N PHE A 171 -32.04 -6.66 4.80
CA PHE A 171 -31.99 -8.03 5.30
C PHE A 171 -32.89 -8.26 6.50
N GLY A 172 -33.48 -7.19 7.06
CA GLY A 172 -34.45 -7.31 8.14
C GLY A 172 -35.83 -6.86 7.70
N SER A 173 -36.77 -6.98 8.64
CA SER A 173 -38.11 -6.47 8.44
C SER A 173 -38.09 -4.95 8.60
N LEU A 174 -38.45 -4.23 7.54
CA LEU A 174 -38.41 -2.76 7.60
C LEU A 174 -39.38 -2.21 8.63
N ASP A 175 -40.48 -2.92 8.91
CA ASP A 175 -41.39 -2.48 9.96
C ASP A 175 -40.72 -2.55 11.33
N GLN A 176 -39.87 -3.55 11.56
CA GLN A 176 -39.12 -3.60 12.80
C GLN A 176 -38.16 -2.42 12.91
N ILE A 177 -37.52 -2.05 11.79
CA ILE A 177 -36.63 -0.90 11.78
C ILE A 177 -37.39 0.36 12.17
N VAL A 178 -38.59 0.54 11.59
CA VAL A 178 -39.37 1.74 11.85
C VAL A 178 -39.90 1.75 13.29
N ASN A 179 -40.40 0.61 13.76
CA ASN A 179 -41.13 0.57 15.01
C ASN A 179 -40.30 0.16 16.22
N GLU A 180 -39.17 -0.54 16.01
CA GLU A 180 -38.36 -1.02 17.14
C GLU A 180 -36.94 -0.49 17.09
N THR A 181 -36.22 -0.70 15.98
CA THR A 181 -34.79 -0.37 15.94
C THR A 181 -34.57 1.14 16.08
N ILE A 182 -35.23 1.93 15.23
CA ILE A 182 -35.05 3.38 15.29
C ILE A 182 -35.52 3.96 16.62
N PRO A 183 -36.70 3.61 17.15
CA PRO A 183 -37.04 4.10 18.51
C PRO A 183 -36.02 3.71 19.56
N ALA A 184 -35.34 2.58 19.39
CA ALA A 184 -34.29 2.18 20.33
C ALA A 184 -33.08 3.10 20.20
N LEU A 185 -32.63 3.38 18.98
CA LEU A 185 -31.49 4.24 18.78
C LEU A 185 -31.77 5.67 19.25
N LEU A 186 -33.04 6.09 19.19
CA LEU A 186 -33.40 7.39 19.74
C LEU A 186 -33.11 7.45 21.24
N LYS A 187 -33.34 6.36 21.95
CA LYS A 187 -33.03 6.31 23.38
C LYS A 187 -31.53 6.35 23.62
N LEU A 188 -30.75 5.65 22.78
CA LEU A 188 -29.29 5.74 22.88
C LEU A 188 -28.81 7.16 22.65
N LYS A 189 -29.49 7.90 21.76
CA LYS A 189 -29.15 9.29 21.53
C LYS A 189 -29.32 10.12 22.80
N GLN A 190 -30.28 9.76 23.65
CA GLN A 190 -30.45 10.45 24.93
C GLN A 190 -29.27 10.19 25.85
N THR A 191 -28.75 8.96 25.86
CA THR A 191 -27.63 8.62 26.73
C THR A 191 -26.34 9.32 26.34
N GLY A 192 -26.28 9.93 25.16
CA GLY A 192 -25.07 10.57 24.69
C GLY A 192 -24.05 9.64 24.05
N LYS A 193 -24.33 8.33 24.02
CA LYS A 193 -23.39 7.40 23.38
C LYS A 193 -23.40 7.56 21.87
N ILE A 194 -24.52 8.00 21.29
CA ILE A 194 -24.59 8.36 19.89
C ILE A 194 -25.23 9.74 19.81
N ARG A 195 -24.96 10.43 18.70
CA ARG A 195 -25.48 11.77 18.47
C ARG A 195 -26.38 11.88 17.25
N PHE A 196 -26.25 10.99 16.27
CA PHE A 196 -27.08 11.03 15.07
C PHE A 196 -27.37 9.61 14.62
N ILE A 197 -28.52 9.44 13.97
CA ILE A 197 -29.02 8.12 13.58
C ILE A 197 -28.98 8.00 12.05
N GLY A 198 -28.59 6.82 11.57
CA GLY A 198 -28.55 6.56 10.14
C GLY A 198 -29.14 5.21 9.80
N ILE A 199 -29.40 5.03 8.50
CA ILE A 199 -29.78 3.73 7.96
C ILE A 199 -29.02 3.53 6.65
N THR A 200 -28.61 2.29 6.38
CA THR A 200 -27.77 1.97 5.23
C THR A 200 -28.37 0.81 4.46
N GLY A 201 -27.93 0.67 3.22
CA GLY A 201 -28.34 -0.45 2.40
C GLY A 201 -28.17 -0.13 0.93
N LEU A 202 -28.40 -1.16 0.11
CA LEU A 202 -28.21 -1.02 -1.33
C LEU A 202 -29.46 -0.49 -2.03
N PRO A 203 -30.61 -1.17 -1.98
CA PRO A 203 -31.76 -0.70 -2.75
C PRO A 203 -32.26 0.64 -2.25
N LEU A 204 -32.36 1.61 -3.16
CA LEU A 204 -32.76 2.96 -2.78
C LEU A 204 -34.15 3.03 -2.17
N GLY A 205 -35.00 2.02 -2.44
CA GLY A 205 -36.36 2.05 -1.94
C GLY A 205 -36.46 1.95 -0.43
N ILE A 206 -35.47 1.35 0.22
CA ILE A 206 -35.50 1.24 1.68
C ILE A 206 -35.43 2.61 2.35
N PHE A 207 -34.88 3.60 1.66
CA PHE A 207 -34.79 4.94 2.24
C PHE A 207 -36.14 5.65 2.21
N THR A 208 -36.86 5.56 1.09
CA THR A 208 -38.17 6.17 1.01
C THR A 208 -39.17 5.45 1.92
N TYR A 209 -39.11 4.11 1.95
CA TYR A 209 -40.04 3.35 2.79
C TYR A 209 -39.92 3.76 4.25
N VAL A 210 -38.70 3.75 4.79
CA VAL A 210 -38.50 4.03 6.20
C VAL A 210 -38.81 5.50 6.51
N LEU A 211 -38.24 6.41 5.72
CA LEU A 211 -38.40 7.84 6.00
C LEU A 211 -39.84 8.31 5.83
N ASP A 212 -40.66 7.58 5.06
CA ASP A 212 -42.08 7.92 4.97
C ASP A 212 -42.84 7.57 6.23
N ARG A 213 -42.35 6.62 7.03
CA ARG A 213 -43.11 6.06 8.14
C ARG A 213 -42.55 6.36 9.52
N VAL A 214 -41.47 7.13 9.61
CA VAL A 214 -40.90 7.47 10.91
C VAL A 214 -41.30 8.91 11.24
N PRO A 215 -41.46 9.25 12.51
CA PRO A 215 -41.71 10.65 12.87
C PRO A 215 -40.61 11.55 12.35
N PRO A 216 -40.94 12.74 11.87
CA PRO A 216 -39.93 13.62 11.29
C PRO A 216 -38.81 13.93 12.29
N GLY A 217 -37.57 13.78 11.83
CA GLY A 217 -36.41 13.98 12.67
C GLY A 217 -35.87 12.72 13.32
N SER A 218 -36.54 11.58 13.15
CA SER A 218 -36.07 10.33 13.74
C SER A 218 -34.73 9.92 13.14
N VAL A 219 -34.61 9.96 11.81
CA VAL A 219 -33.39 9.61 11.11
C VAL A 219 -32.67 10.88 10.68
N ASP A 220 -31.36 10.93 10.92
CA ASP A 220 -30.56 12.11 10.62
C ASP A 220 -29.66 11.96 9.40
N VAL A 221 -29.31 10.72 9.02
CA VAL A 221 -28.31 10.48 8.00
C VAL A 221 -28.70 9.24 7.21
N VAL A 222 -28.39 9.25 5.91
CA VAL A 222 -28.62 8.11 5.03
C VAL A 222 -27.30 7.73 4.36
N LEU A 223 -27.00 6.44 4.35
CA LEU A 223 -25.79 5.90 3.73
C LEU A 223 -26.20 4.95 2.61
N SER A 224 -25.98 5.37 1.37
CA SER A 224 -26.20 4.53 0.20
C SER A 224 -24.86 4.16 -0.41
N TYR A 225 -24.86 3.09 -1.20
CA TYR A 225 -23.64 2.67 -1.88
C TYR A 225 -23.98 2.06 -3.23
N CYS A 226 -22.99 2.12 -4.13
CA CYS A 226 -23.09 1.57 -5.48
C CYS A 226 -24.14 2.28 -6.33
N HIS A 227 -24.54 3.50 -5.96
CA HIS A 227 -25.54 4.22 -6.72
C HIS A 227 -25.12 5.65 -7.05
N PHE A 228 -23.82 5.98 -6.91
CA PHE A 228 -23.28 7.23 -7.43
C PHE A 228 -21.86 6.97 -7.95
N SER A 229 -21.80 6.35 -9.13
CA SER A 229 -20.55 6.15 -9.85
C SER A 229 -20.85 6.35 -11.34
N ILE A 230 -19.83 6.13 -12.17
CA ILE A 230 -20.00 6.37 -13.60
C ILE A 230 -21.06 5.43 -14.18
N ASN A 231 -21.10 4.20 -13.69
CA ASN A 231 -22.06 3.22 -14.19
C ASN A 231 -23.46 3.39 -13.60
N ASP A 232 -23.56 3.99 -12.41
CA ASP A 232 -24.85 4.09 -11.71
C ASP A 232 -24.85 5.38 -10.91
N ASN A 233 -25.73 6.31 -11.27
CA ASN A 233 -25.88 7.58 -10.56
C ASN A 233 -27.31 7.80 -10.10
N THR A 234 -28.05 6.72 -9.84
CA THR A 234 -29.45 6.80 -9.46
C THR A 234 -29.68 7.48 -8.12
N LEU A 235 -28.63 7.68 -7.32
CA LEU A 235 -28.79 8.42 -6.07
C LEU A 235 -29.22 9.86 -6.31
N GLU A 236 -28.98 10.40 -7.50
CA GLU A 236 -29.43 11.76 -7.82
C GLU A 236 -30.93 11.91 -7.65
N ASP A 237 -31.69 10.88 -8.05
CA ASP A 237 -33.15 10.96 -7.93
C ASP A 237 -33.59 11.08 -6.48
N LEU A 238 -32.79 10.54 -5.55
CA LEU A 238 -33.16 10.53 -4.14
C LEU A 238 -32.76 11.81 -3.42
N LEU A 239 -31.82 12.57 -3.97
CA LEU A 239 -31.34 13.78 -3.29
C LEU A 239 -32.45 14.78 -3.00
N PRO A 240 -33.34 15.14 -3.94
CA PRO A 240 -34.40 16.09 -3.58
C PRO A 240 -35.33 15.56 -2.49
N TYR A 241 -35.60 14.25 -2.49
CA TYR A 241 -36.41 13.66 -1.43
C TYR A 241 -35.70 13.79 -0.08
N LEU A 242 -34.41 13.45 -0.03
CA LEU A 242 -33.70 13.47 1.24
C LEU A 242 -33.50 14.90 1.75
N LYS A 243 -33.17 15.84 0.85
CA LYS A 243 -33.00 17.22 1.28
C LYS A 243 -34.31 17.83 1.78
N SER A 244 -35.44 17.36 1.25
CA SER A 244 -36.74 17.88 1.72
C SER A 244 -36.96 17.56 3.19
N LYS A 245 -36.35 16.50 3.70
CA LYS A 245 -36.46 16.11 5.10
C LYS A 245 -35.23 16.47 5.91
N GLY A 246 -34.28 17.19 5.32
CA GLY A 246 -33.08 17.59 6.03
C GLY A 246 -32.14 16.46 6.38
N VAL A 247 -32.24 15.32 5.70
CA VAL A 247 -31.42 14.16 6.00
C VAL A 247 -30.08 14.29 5.28
N GLY A 248 -28.99 14.03 5.99
CA GLY A 248 -27.68 14.01 5.38
C GLY A 248 -27.51 12.83 4.44
N ILE A 249 -26.75 13.05 3.38
CA ILE A 249 -26.57 12.08 2.31
C ILE A 249 -25.10 11.69 2.24
N ILE A 250 -24.82 10.41 2.43
CA ILE A 250 -23.48 9.86 2.31
C ILE A 250 -23.51 8.74 1.29
N SER A 251 -22.64 8.82 0.29
CA SER A 251 -22.50 7.77 -0.71
C SER A 251 -21.26 6.94 -0.45
N ALA A 252 -21.21 5.77 -1.08
CA ALA A 252 -20.11 4.84 -0.88
C ALA A 252 -19.94 4.02 -2.15
N SER A 253 -18.91 3.18 -2.15
CA SER A 253 -18.52 2.37 -3.30
C SER A 253 -18.41 3.19 -4.59
N PRO A 254 -17.50 4.16 -4.64
CA PRO A 254 -17.35 4.95 -5.87
C PRO A 254 -16.83 4.14 -7.05
N LEU A 255 -16.18 3.01 -6.81
CA LEU A 255 -15.69 2.14 -7.87
C LEU A 255 -16.60 0.93 -8.09
N ALA A 256 -17.83 0.99 -7.57
CA ALA A 256 -18.79 -0.12 -7.68
C ALA A 256 -18.21 -1.43 -7.15
N MET A 257 -17.49 -1.32 -6.02
CA MET A 257 -16.89 -2.47 -5.34
C MET A 257 -15.94 -3.24 -6.26
N GLY A 258 -15.13 -2.51 -7.02
CA GLY A 258 -14.12 -3.11 -7.87
C GLY A 258 -14.46 -3.14 -9.35
N LEU A 259 -15.71 -2.86 -9.73
CA LEU A 259 -16.08 -2.85 -11.14
C LEU A 259 -15.29 -1.80 -11.91
N LEU A 260 -15.01 -0.67 -11.27
CA LEU A 260 -14.28 0.44 -11.90
C LEU A 260 -12.81 0.43 -11.52
N THR A 261 -12.14 -0.71 -11.64
CA THR A 261 -10.71 -0.83 -11.40
C THR A 261 -10.07 -1.64 -12.51
N GLU A 262 -8.79 -1.39 -12.75
CA GLU A 262 -8.06 -2.11 -13.79
C GLU A 262 -7.89 -3.58 -13.41
N GLY A 263 -7.69 -3.86 -12.13
CA GLY A 263 -7.58 -5.25 -11.70
C GLY A 263 -8.85 -6.04 -11.96
N GLY A 264 -10.00 -5.40 -11.81
CA GLY A 264 -11.26 -6.02 -12.10
C GLY A 264 -12.09 -6.30 -10.86
N PRO A 265 -13.33 -6.75 -11.05
CA PRO A 265 -14.20 -7.06 -9.92
C PRO A 265 -13.80 -8.39 -9.30
N PRO A 266 -14.12 -8.60 -8.03
CA PRO A 266 -13.82 -9.88 -7.39
C PRO A 266 -14.70 -11.00 -7.94
N GLU A 267 -14.35 -12.23 -7.56
CA GLU A 267 -15.11 -13.39 -8.03
C GLU A 267 -16.50 -13.44 -7.42
N TRP A 268 -16.67 -12.90 -6.21
CA TRP A 268 -17.96 -12.91 -5.54
C TRP A 268 -18.87 -11.76 -5.96
N HIS A 269 -18.43 -10.88 -6.84
CA HIS A 269 -19.20 -9.69 -7.16
C HIS A 269 -20.52 -10.07 -7.81
N PRO A 270 -21.65 -9.53 -7.33
CA PRO A 270 -22.96 -9.99 -7.81
C PRO A 270 -23.52 -9.19 -8.98
N ALA A 271 -22.67 -8.44 -9.67
CA ALA A 271 -23.16 -7.63 -10.78
C ALA A 271 -23.59 -8.51 -11.94
N PRO A 272 -24.61 -8.09 -12.68
CA PRO A 272 -25.01 -8.85 -13.87
C PRO A 272 -23.88 -8.87 -14.87
N PRO A 273 -23.76 -9.95 -15.67
CA PRO A 273 -22.65 -10.03 -16.63
C PRO A 273 -22.61 -8.89 -17.62
N GLU A 274 -23.75 -8.25 -17.91
CA GLU A 274 -23.75 -7.12 -18.82
C GLU A 274 -23.02 -5.92 -18.24
N LEU A 275 -23.14 -5.72 -16.92
CA LEU A 275 -22.44 -4.62 -16.29
C LEU A 275 -20.95 -4.90 -16.15
N LYS A 276 -20.59 -6.14 -15.79
CA LYS A 276 -19.19 -6.49 -15.62
C LYS A 276 -18.44 -6.41 -16.95
N SER A 277 -19.09 -6.81 -18.04
CA SER A 277 -18.45 -6.71 -19.35
C SER A 277 -18.27 -5.26 -19.77
N ALA A 278 -19.31 -4.43 -19.56
CA ALA A 278 -19.20 -3.01 -19.89
C ALA A 278 -18.12 -2.33 -19.07
N CYS A 279 -17.99 -2.69 -17.79
CA CYS A 279 -17.00 -2.04 -16.94
C CYS A 279 -15.58 -2.46 -17.29
N GLN A 280 -15.38 -3.74 -17.61
CA GLN A 280 -14.02 -4.20 -17.94
C GLN A 280 -13.56 -3.63 -19.27
N ASP A 281 -14.47 -3.48 -20.24
CA ASP A 281 -14.09 -2.88 -21.51
C ASP A 281 -13.73 -1.41 -21.35
N ALA A 282 -14.41 -0.70 -20.45
CA ALA A 282 -14.09 0.70 -20.21
C ALA A 282 -12.78 0.84 -19.44
N ALA A 283 -12.47 -0.12 -18.57
CA ALA A 283 -11.18 -0.10 -17.87
C ALA A 283 -10.03 -0.34 -18.83
N ALA A 284 -10.20 -1.29 -19.75
CA ALA A 284 -9.18 -1.51 -20.77
C ALA A 284 -9.01 -0.30 -21.66
N PHE A 285 -10.13 0.35 -22.04
CA PHE A 285 -10.06 1.59 -22.80
C PHE A 285 -9.22 2.63 -22.08
N CYS A 286 -9.38 2.74 -20.76
CA CYS A 286 -8.53 3.63 -19.98
C CYS A 286 -7.10 3.14 -19.95
N GLN A 287 -6.91 1.82 -19.90
CA GLN A 287 -5.56 1.26 -19.86
C GLN A 287 -4.82 1.52 -21.16
N LYS A 288 -5.49 1.33 -22.31
CA LYS A 288 -4.86 1.58 -23.59
C LYS A 288 -4.41 3.03 -23.71
N LYS A 289 -5.23 3.97 -23.23
CA LYS A 289 -4.88 5.38 -23.24
C LYS A 289 -3.97 5.77 -22.08
N GLY A 290 -3.42 4.80 -21.35
CA GLY A 290 -2.51 5.10 -20.26
C GLY A 290 -3.08 5.97 -19.16
N LYS A 291 -4.33 5.73 -18.78
CA LYS A 291 -4.98 6.48 -17.71
C LYS A 291 -5.54 5.49 -16.70
N ASN A 292 -6.04 6.03 -15.58
CA ASN A 292 -6.57 5.21 -14.50
C ASN A 292 -8.07 5.46 -14.37
N ILE A 293 -8.86 4.41 -14.59
CA ILE A 293 -10.31 4.53 -14.46
C ILE A 293 -10.71 4.73 -13.00
N SER A 294 -9.87 4.29 -12.06
CA SER A 294 -10.20 4.48 -10.64
C SER A 294 -10.18 5.95 -10.27
N LYS A 295 -9.26 6.72 -10.87
CA LYS A 295 -9.20 8.15 -10.61
C LYS A 295 -10.42 8.86 -11.19
N LEU A 296 -10.78 8.54 -12.44
CA LEU A 296 -11.95 9.15 -13.05
C LEU A 296 -13.23 8.81 -12.28
N ALA A 297 -13.36 7.54 -11.87
CA ALA A 297 -14.55 7.13 -11.14
C ALA A 297 -14.64 7.82 -9.78
N MET A 298 -13.50 7.98 -9.10
CA MET A 298 -13.50 8.67 -7.82
C MET A 298 -13.82 10.15 -7.99
N GLN A 299 -13.25 10.79 -9.00
CA GLN A 299 -13.53 12.20 -9.26
C GLN A 299 -15.01 12.42 -9.59
N TYR A 300 -15.59 11.52 -10.40
CA TYR A 300 -17.00 11.65 -10.76
C TYR A 300 -17.89 11.62 -9.52
N SER A 301 -17.59 10.74 -8.57
CA SER A 301 -18.41 10.59 -7.37
C SER A 301 -18.40 11.82 -6.49
N LEU A 302 -17.46 12.75 -6.69
CA LEU A 302 -17.34 13.95 -5.87
C LEU A 302 -17.89 15.19 -6.55
N THR A 303 -18.55 15.04 -7.70
CA THR A 303 -19.02 16.20 -8.46
C THR A 303 -20.36 16.73 -7.98
N ASN A 304 -21.05 16.04 -7.08
CA ASN A 304 -22.35 16.47 -6.58
C ASN A 304 -22.20 16.78 -5.09
N LYS A 305 -22.15 18.06 -4.76
CA LYS A 305 -21.91 18.51 -3.40
C LYS A 305 -23.15 18.43 -2.51
N ASP A 306 -24.24 17.86 -3.01
CA ASP A 306 -25.34 17.49 -2.13
C ASP A 306 -25.08 16.16 -1.43
N ILE A 307 -24.09 15.41 -1.89
CA ILE A 307 -23.56 14.26 -1.17
C ILE A 307 -22.46 14.77 -0.25
N SER A 308 -22.66 14.63 1.06
CA SER A 308 -21.75 15.25 2.01
C SER A 308 -20.38 14.61 1.98
N SER A 309 -20.31 13.30 1.76
CA SER A 309 -19.03 12.62 1.73
C SER A 309 -19.17 11.32 0.94
N VAL A 310 -18.08 10.92 0.30
CA VAL A 310 -18.00 9.66 -0.44
C VAL A 310 -17.00 8.78 0.29
N LEU A 311 -17.49 7.71 0.90
CA LEU A 311 -16.63 6.76 1.60
C LEU A 311 -15.95 5.84 0.61
N VAL A 312 -14.63 5.68 0.75
CA VAL A 312 -13.85 4.78 -0.08
C VAL A 312 -12.94 3.97 0.83
N GLY A 313 -12.86 2.66 0.57
CA GLY A 313 -12.07 1.79 1.42
C GLY A 313 -10.58 2.11 1.25
N MET A 314 -9.88 2.23 2.38
CA MET A 314 -8.47 2.57 2.36
C MET A 314 -7.74 1.83 3.47
N ASN A 315 -6.70 1.09 3.11
CA ASN A 315 -5.85 0.42 4.08
C ASN A 315 -4.37 0.76 3.94
N SER A 316 -4.01 1.66 3.01
CA SER A 316 -2.62 2.00 2.77
C SER A 316 -2.48 3.52 2.65
N VAL A 317 -1.28 4.01 2.96
CA VAL A 317 -1.00 5.43 2.81
C VAL A 317 -1.18 5.86 1.36
N LYS A 318 -0.75 5.01 0.42
CA LYS A 318 -0.90 5.33 -1.00
C LYS A 318 -2.37 5.54 -1.37
N GLN A 319 -3.25 4.66 -0.90
CA GLN A 319 -4.66 4.77 -1.23
C GLN A 319 -5.26 6.07 -0.71
N VAL A 320 -4.88 6.47 0.51
CA VAL A 320 -5.37 7.72 1.07
C VAL A 320 -4.91 8.90 0.21
N GLY A 321 -3.61 9.00 -0.05
CA GLY A 321 -3.09 10.09 -0.84
C GLY A 321 -3.61 10.11 -2.27
N GLU A 322 -3.86 8.92 -2.84
CA GLU A 322 -4.38 8.86 -4.20
C GLU A 322 -5.77 9.49 -4.28
N ASN A 323 -6.66 9.13 -3.35
CA ASN A 323 -8.03 9.63 -3.40
C ASN A 323 -8.10 11.11 -2.99
N VAL A 324 -7.31 11.50 -2.00
CA VAL A 324 -7.32 12.90 -1.58
C VAL A 324 -6.78 13.79 -2.68
N ALA A 325 -5.70 13.37 -3.36
CA ALA A 325 -5.17 14.16 -4.46
C ALA A 325 -6.13 14.21 -5.64
N ALA A 326 -6.87 13.12 -5.88
CA ALA A 326 -7.87 13.13 -6.95
C ALA A 326 -9.00 14.11 -6.62
N ALA A 327 -9.38 14.20 -5.35
CA ALA A 327 -10.39 15.17 -4.94
C ALA A 327 -9.86 16.59 -5.11
N ILE A 328 -8.64 16.84 -4.64
CA ILE A 328 -8.02 18.15 -4.79
C ILE A 328 -7.85 18.50 -6.26
N GLU A 329 -7.43 17.53 -7.07
CA GLU A 329 -7.24 17.78 -8.49
C GLU A 329 -8.57 18.13 -9.18
N LEU A 330 -9.66 17.51 -8.74
CA LEU A 330 -10.96 17.85 -9.29
C LEU A 330 -11.30 19.32 -9.06
N VAL A 331 -10.97 19.84 -7.88
CA VAL A 331 -11.34 21.22 -7.55
C VAL A 331 -10.40 22.21 -8.23
N SER A 332 -9.13 21.87 -8.41
CA SER A 332 -8.15 22.82 -8.92
C SER A 332 -7.99 22.76 -10.44
N ALA A 333 -8.08 21.56 -11.02
CA ALA A 333 -7.89 21.40 -12.46
C ALA A 333 -9.14 20.94 -13.19
N GLY A 334 -10.21 20.60 -12.48
CA GLY A 334 -11.39 20.07 -13.12
C GLY A 334 -11.26 18.61 -13.45
N MET A 335 -12.23 18.13 -14.23
CA MET A 335 -12.32 16.74 -14.61
C MET A 335 -12.09 16.59 -16.12
N ASP A 336 -11.49 15.47 -16.51
CA ASP A 336 -11.28 15.17 -17.92
C ASP A 336 -12.62 14.87 -18.58
N GLN A 337 -13.23 15.90 -19.19
CA GLN A 337 -14.54 15.73 -19.80
C GLN A 337 -14.50 14.82 -21.01
N GLU A 338 -13.41 14.84 -21.77
CA GLU A 338 -13.29 13.94 -22.92
C GLU A 338 -13.21 12.49 -22.48
N MET A 339 -12.43 12.20 -21.43
CA MET A 339 -12.35 10.85 -20.90
C MET A 339 -13.68 10.41 -20.31
N LEU A 340 -14.33 11.28 -19.54
CA LEU A 340 -15.60 10.93 -18.91
C LEU A 340 -16.66 10.64 -19.96
N SER A 341 -16.73 11.45 -21.01
CA SER A 341 -17.71 11.23 -22.06
C SER A 341 -17.49 9.90 -22.76
N GLU A 342 -16.23 9.53 -23.00
CA GLU A 342 -15.95 8.27 -23.69
C GLU A 342 -16.20 7.07 -22.80
N VAL A 343 -15.84 7.16 -21.51
CA VAL A 343 -16.10 6.06 -20.59
C VAL A 343 -17.60 5.90 -20.37
N GLU A 344 -18.32 7.01 -20.27
CA GLU A 344 -19.76 6.96 -20.06
C GLU A 344 -20.48 6.29 -21.22
N ALA A 345 -19.98 6.46 -22.44
CA ALA A 345 -20.58 5.82 -23.60
C ALA A 345 -20.35 4.32 -23.59
N ILE A 346 -19.15 3.89 -23.17
CA ILE A 346 -18.85 2.46 -23.08
C ILE A 346 -19.69 1.80 -22.00
N LEU A 347 -20.03 2.54 -20.95
CA LEU A 347 -20.81 2.01 -19.83
C LEU A 347 -22.31 2.09 -20.07
N LYS A 348 -22.74 2.60 -21.22
CA LYS A 348 -24.17 2.68 -21.50
C LYS A 348 -24.88 1.33 -21.41
N PRO A 349 -24.32 0.20 -21.89
CA PRO A 349 -25.03 -1.08 -21.72
C PRO A 349 -25.29 -1.45 -20.27
N GLY A 350 -24.45 -0.99 -19.34
CA GLY A 350 -24.63 -1.33 -17.94
C GLY A 350 -25.08 -0.17 -17.07
N LYS A 351 -25.63 0.86 -17.71
CA LYS A 351 -26.01 2.08 -17.01
C LYS A 351 -27.14 1.79 -16.02
N ASN A 352 -26.92 2.14 -14.75
CA ASN A 352 -27.89 2.04 -13.68
C ASN A 352 -28.33 0.61 -13.38
N LEU A 353 -27.64 -0.39 -13.92
CA LEU A 353 -27.96 -1.78 -13.62
C LEU A 353 -27.54 -2.14 -12.19
N THR A 354 -28.49 -2.60 -11.38
CA THR A 354 -28.23 -3.02 -10.02
C THR A 354 -28.30 -4.55 -9.93
N TRP A 355 -28.50 -5.07 -8.73
CA TRP A 355 -28.60 -6.50 -8.49
C TRP A 355 -29.45 -6.72 -7.24
N PRO A 356 -29.98 -7.93 -7.04
CA PRO A 356 -30.78 -8.19 -5.84
C PRO A 356 -29.94 -8.07 -4.58
N SER A 357 -30.58 -7.55 -3.52
CA SER A 357 -29.92 -7.39 -2.23
C SER A 357 -30.94 -7.50 -1.11
N GLY A 358 -30.60 -8.27 -0.09
CA GLY A 358 -31.45 -8.36 1.09
C GLY A 358 -32.28 -9.62 1.08
N ILE A 359 -33.33 -9.58 1.91
CA ILE A 359 -34.29 -10.71 1.97
C ILE A 359 -35.55 -10.28 1.21
N GLN A 360 -36.73 -10.65 1.72
CA GLN A 360 -38.01 -10.32 1.06
C GLN A 360 -39.01 -9.91 2.13
N GLN A 361 -39.87 -8.92 1.83
CA GLN A 361 -40.83 -8.41 2.83
C GLN A 361 -42.21 -8.30 2.19
N ASN B 46 12.98 -9.77 17.77
CA ASN B 46 13.85 -8.75 17.21
C ASN B 46 14.44 -9.21 15.87
N LEU B 47 14.54 -8.27 14.93
CA LEU B 47 15.08 -8.59 13.62
C LEU B 47 16.56 -8.94 13.72
N GLU B 48 16.96 -10.00 12.99
CA GLU B 48 18.32 -10.51 13.08
C GLU B 48 19.30 -9.58 12.37
N LEU B 49 20.47 -9.40 12.99
CA LEU B 49 21.57 -8.66 12.40
C LEU B 49 22.67 -9.63 11.99
N ARG B 50 23.30 -9.36 10.85
CA ARG B 50 24.37 -10.21 10.33
C ARG B 50 25.63 -9.40 10.09
N PRO B 51 26.81 -9.99 10.32
CA PRO B 51 28.05 -9.26 10.03
C PRO B 51 28.25 -9.06 8.54
N LEU B 52 28.78 -7.90 8.19
CA LEU B 52 28.97 -7.51 6.79
C LEU B 52 30.45 -7.67 6.43
N GLY B 53 30.82 -8.87 6.01
CA GLY B 53 32.18 -9.14 5.59
C GLY B 53 33.20 -8.82 6.67
N SER B 54 34.24 -8.09 6.29
CA SER B 54 35.26 -7.63 7.22
C SER B 54 35.09 -6.16 7.60
N THR B 55 33.94 -5.57 7.28
CA THR B 55 33.71 -4.16 7.57
C THR B 55 33.54 -3.88 9.06
N GLY B 56 33.22 -4.89 9.85
CA GLY B 56 32.83 -4.68 11.23
C GLY B 56 31.43 -4.16 11.42
N LEU B 57 30.70 -3.89 10.34
CA LEU B 57 29.31 -3.48 10.43
C LEU B 57 28.41 -4.71 10.59
N LYS B 58 27.28 -4.49 11.27
CA LYS B 58 26.24 -5.50 11.39
C LYS B 58 24.96 -4.91 10.83
N VAL B 59 24.46 -5.51 9.75
CA VAL B 59 23.29 -5.01 9.05
C VAL B 59 22.14 -5.98 9.28
N SER B 60 20.92 -5.43 9.29
CA SER B 60 19.74 -6.26 9.40
C SER B 60 19.59 -7.12 8.16
N CYS B 61 19.16 -8.37 8.35
CA CYS B 61 19.05 -9.30 7.24
C CYS B 61 18.10 -8.79 6.16
N VAL B 62 17.14 -7.95 6.53
CA VAL B 62 16.26 -7.29 5.58
C VAL B 62 16.75 -5.85 5.41
N GLY B 63 17.09 -5.49 4.18
CA GLY B 63 17.56 -4.15 3.87
C GLY B 63 16.48 -3.32 3.20
N PHE B 64 16.51 -2.02 3.46
CA PHE B 64 15.56 -1.08 2.88
C PHE B 64 16.12 -0.60 1.55
N GLY B 65 15.53 -1.07 0.46
CA GLY B 65 15.90 -0.58 -0.87
C GLY B 65 15.08 0.62 -1.28
N ALA B 66 15.74 1.75 -1.45
CA ALA B 66 15.05 3.01 -1.73
C ALA B 66 14.71 3.21 -3.21
N SER B 67 14.82 2.15 -4.01
CA SER B 67 14.41 2.25 -5.41
C SER B 67 12.98 2.74 -5.60
N PRO B 68 11.97 2.23 -4.87
CA PRO B 68 10.61 2.76 -5.03
C PRO B 68 10.35 4.07 -4.31
N LEU B 69 11.30 4.57 -3.52
CA LEU B 69 11.09 5.85 -2.84
C LEU B 69 11.01 7.01 -3.83
N GLY B 70 11.57 6.85 -5.02
CA GLY B 70 11.45 7.87 -6.04
C GLY B 70 10.15 7.66 -6.80
N ARG B 71 10.16 7.86 -8.11
CA ARG B 71 8.99 7.61 -8.96
C ARG B 71 7.82 8.49 -8.55
N VAL B 72 7.54 9.52 -9.35
CA VAL B 72 6.54 10.55 -9.06
C VAL B 72 7.04 11.42 -7.92
N PHE B 73 7.13 12.72 -8.15
CA PHE B 73 7.60 13.65 -7.13
C PHE B 73 6.51 13.98 -6.12
N PRO B 75 3.62 15.48 -1.81
CA PRO B 75 2.30 14.86 -1.85
C PRO B 75 2.35 13.38 -1.48
N VAL B 76 1.63 12.54 -2.24
CA VAL B 76 1.58 11.11 -1.98
C VAL B 76 2.99 10.54 -1.97
N SER B 77 3.63 10.49 -3.14
CA SER B 77 4.98 9.98 -3.26
C SER B 77 5.97 10.89 -2.53
N GLU B 78 5.78 11.02 -1.21
CA GLU B 78 6.64 11.83 -0.35
C GLU B 78 6.33 11.48 1.10
N ASP B 79 5.04 11.37 1.41
CA ASP B 79 4.62 10.96 2.74
C ASP B 79 4.71 9.46 2.97
N GLU B 80 4.68 8.65 1.90
CA GLU B 80 4.90 7.22 2.06
C GLU B 80 6.36 6.89 2.31
N ALA B 81 7.27 7.68 1.75
CA ALA B 81 8.69 7.47 2.01
C ALA B 81 9.01 7.70 3.48
N VAL B 82 8.46 8.77 4.06
CA VAL B 82 8.65 9.02 5.48
C VAL B 82 7.96 7.94 6.31
N ALA B 83 6.81 7.46 5.85
CA ALA B 83 6.05 6.47 6.62
C ALA B 83 6.76 5.13 6.65
N SER B 84 7.25 4.66 5.51
CA SER B 84 7.90 3.35 5.46
C SER B 84 9.20 3.35 6.27
N VAL B 85 9.99 4.41 6.16
CA VAL B 85 11.25 4.48 6.90
C VAL B 85 10.99 4.51 8.40
N ARG B 86 9.92 5.19 8.83
CA ARG B 86 9.52 5.14 10.23
C ARG B 86 9.21 3.72 10.66
N GLU B 87 8.53 2.96 9.79
CA GLU B 87 8.26 1.55 10.08
C GLU B 87 9.54 0.73 10.12
N ALA B 88 10.48 1.01 9.20
CA ALA B 88 11.73 0.26 9.15
C ALA B 88 12.51 0.38 10.45
N PHE B 89 12.70 1.60 10.95
CA PHE B 89 13.41 1.78 12.21
C PHE B 89 12.66 1.14 13.37
N ARG B 90 11.33 1.20 13.34
CA ARG B 90 10.54 0.63 14.44
C ARG B 90 10.67 -0.89 14.49
N LEU B 91 10.89 -1.53 13.34
CA LEU B 91 10.95 -2.99 13.26
C LEU B 91 12.38 -3.55 13.27
N GLY B 92 13.40 -2.69 13.30
CA GLY B 92 14.77 -3.13 13.44
C GLY B 92 15.64 -3.02 12.22
N ILE B 93 15.14 -2.46 11.12
CA ILE B 93 15.97 -2.29 9.93
C ILE B 93 16.96 -1.15 10.16
N ASN B 94 18.23 -1.40 9.86
CA ASN B 94 19.28 -0.41 10.05
C ASN B 94 20.15 -0.25 8.81
N PHE B 95 19.68 -0.69 7.66
CA PHE B 95 20.46 -0.69 6.42
C PHE B 95 19.59 -0.14 5.31
N PHE B 96 20.05 0.94 4.68
CA PHE B 96 19.30 1.64 3.64
C PHE B 96 20.19 1.81 2.42
N ASP B 97 19.67 1.42 1.26
CA ASP B 97 20.42 1.48 0.01
C ASP B 97 19.67 2.32 -1.01
N THR B 98 20.40 3.17 -1.71
CA THR B 98 19.82 4.06 -2.71
C THR B 98 20.85 4.27 -3.83
N SER B 99 20.53 5.17 -4.75
CA SER B 99 21.39 5.52 -5.87
C SER B 99 20.87 6.78 -6.54
N PRO B 100 21.76 7.66 -7.03
CA PRO B 100 21.28 8.85 -7.75
C PRO B 100 20.52 8.52 -9.02
N TYR B 101 20.59 7.28 -9.50
CA TYR B 101 19.79 6.86 -10.64
C TYR B 101 18.33 6.70 -10.25
N TYR B 102 18.05 6.29 -9.02
CA TYR B 102 16.68 6.03 -8.59
C TYR B 102 15.88 7.33 -8.54
N GLY B 103 14.76 7.35 -9.26
CA GLY B 103 13.92 8.54 -9.31
C GLY B 103 14.56 9.75 -9.94
N GLY B 104 15.67 9.57 -10.65
CA GLY B 104 16.37 10.69 -11.24
C GLY B 104 16.90 11.64 -10.18
N THR B 105 17.52 11.09 -9.14
CA THR B 105 18.07 11.72 -7.95
C THR B 105 16.98 12.03 -6.93
N LEU B 106 15.73 11.65 -7.17
CA LEU B 106 14.65 11.96 -6.24
C LEU B 106 14.64 11.02 -5.03
N SER B 107 14.89 9.73 -5.26
CA SER B 107 14.91 8.76 -4.16
C SER B 107 15.92 9.15 -3.10
N GLU B 108 17.10 9.64 -3.52
CA GLU B 108 18.09 10.12 -2.57
C GLU B 108 17.52 11.24 -1.70
N LYS B 109 16.74 12.14 -2.28
CA LYS B 109 16.19 13.26 -1.53
C LYS B 109 15.14 12.79 -0.52
N MET B 110 14.21 11.95 -0.95
CA MET B 110 13.16 11.50 -0.05
C MET B 110 13.73 10.67 1.08
N LEU B 111 14.69 9.79 0.79
CA LEU B 111 15.33 9.02 1.84
C LEU B 111 16.05 9.93 2.83
N GLY B 112 16.78 10.93 2.31
CA GLY B 112 17.45 11.86 3.20
C GLY B 112 16.50 12.65 4.06
N MET B 113 15.37 13.07 3.50
CA MET B 113 14.35 13.75 4.30
C MET B 113 13.71 12.79 5.30
N ALA B 114 13.50 11.53 4.88
CA ALA B 114 12.91 10.55 5.79
C ALA B 114 13.86 10.19 6.92
N LEU B 115 15.14 10.00 6.61
CA LEU B 115 16.11 9.72 7.66
C LEU B 115 16.24 10.89 8.63
N LYS B 116 16.05 12.12 8.15
CA LYS B 116 16.05 13.27 9.04
C LYS B 116 14.82 13.24 9.95
N ALA B 117 13.67 12.82 9.43
CA ALA B 117 12.45 12.76 10.21
C ALA B 117 12.43 11.59 11.20
N SER B 118 13.47 10.75 11.21
CA SER B 118 13.47 9.61 12.12
C SER B 118 13.91 9.99 13.53
N GLY B 119 14.81 10.97 13.65
CA GLY B 119 15.36 11.31 14.94
C GLY B 119 16.30 10.27 15.49
N VAL B 120 16.79 9.37 14.64
CA VAL B 120 17.69 8.30 15.03
C VAL B 120 19.12 8.75 14.77
N PRO B 121 20.05 8.58 15.71
CA PRO B 121 21.45 8.94 15.46
C PRO B 121 22.00 8.27 14.21
N ARG B 122 22.85 9.01 13.48
CA ARG B 122 23.39 8.51 12.21
C ARG B 122 24.16 7.22 12.42
N ASP B 123 24.94 7.13 13.50
CA ASP B 123 25.74 5.94 13.77
C ASP B 123 24.90 4.74 14.18
N GLN B 124 23.57 4.81 14.13
CA GLN B 124 22.71 3.68 14.44
C GLN B 124 22.06 3.07 13.20
N TYR B 125 22.45 3.53 12.00
CA TYR B 125 22.01 2.89 10.77
C TYR B 125 23.10 3.04 9.71
N VAL B 126 23.02 2.19 8.70
CA VAL B 126 24.02 2.10 7.63
C VAL B 126 23.37 2.54 6.33
N VAL B 127 23.99 3.49 5.65
CA VAL B 127 23.47 4.06 4.41
C VAL B 127 24.39 3.68 3.26
N SER B 128 23.80 3.21 2.16
CA SER B 128 24.54 2.87 0.95
C SER B 128 23.97 3.65 -0.22
N THR B 129 24.85 4.30 -0.98
CA THR B 129 24.50 4.94 -2.23
C THR B 129 25.48 4.48 -3.30
N LYS B 130 25.21 4.87 -4.54
CA LYS B 130 25.97 4.39 -5.68
C LYS B 130 26.46 5.57 -6.52
N CYS B 131 27.30 5.25 -7.51
CA CYS B 131 27.81 6.23 -8.44
C CYS B 131 28.05 5.53 -9.78
N GLY B 132 28.20 6.34 -10.83
CA GLY B 132 28.50 5.84 -12.15
C GLY B 132 27.28 5.71 -13.05
N ARG B 133 26.10 5.48 -12.49
CA ARG B 133 24.88 5.37 -13.26
C ARG B 133 23.94 6.52 -12.88
N TYR B 134 23.48 7.26 -13.88
CA TYR B 134 22.62 8.41 -13.68
C TYR B 134 21.55 8.43 -14.77
N LYS B 135 20.58 9.33 -14.61
CA LYS B 135 19.51 9.43 -15.59
C LYS B 135 20.03 9.87 -16.96
N GLU B 136 21.20 10.49 -17.02
CA GLU B 136 21.78 10.94 -18.29
C GLU B 136 22.69 9.88 -18.92
N GLY B 137 22.92 8.76 -18.26
CA GLY B 137 23.76 7.71 -18.82
C GLY B 137 24.73 7.13 -17.81
N PHE B 138 25.84 6.60 -18.29
CA PHE B 138 26.85 5.97 -17.45
C PHE B 138 28.14 6.77 -17.49
N ASP B 139 28.83 6.84 -16.35
CA ASP B 139 30.09 7.56 -16.27
C ASP B 139 30.83 7.06 -15.03
N PHE B 140 31.73 6.09 -15.23
CA PHE B 140 32.55 5.55 -14.17
C PHE B 140 33.92 6.21 -14.07
N SER B 141 34.07 7.38 -14.70
CA SER B 141 35.34 8.08 -14.68
C SER B 141 35.69 8.52 -13.26
N ALA B 142 36.99 8.78 -13.05
CA ALA B 142 37.46 9.23 -11.74
C ALA B 142 36.85 10.56 -11.36
N GLU B 143 36.68 11.46 -12.34
CA GLU B 143 36.14 12.79 -12.04
C GLU B 143 34.67 12.72 -11.65
N ARG B 144 33.86 11.93 -12.36
CA ARG B 144 32.44 11.86 -12.08
C ARG B 144 32.17 11.24 -10.71
N VAL B 145 32.78 10.09 -10.42
CA VAL B 145 32.53 9.41 -9.16
C VAL B 145 33.08 10.19 -7.97
N THR B 146 34.08 11.04 -8.20
CA THR B 146 34.57 11.90 -7.13
C THR B 146 33.59 13.02 -6.82
N ARG B 147 32.94 13.56 -7.85
CA ARG B 147 31.95 14.61 -7.66
C ARG B 147 30.62 14.06 -7.16
N SER B 148 30.28 12.82 -7.50
CA SER B 148 28.96 12.29 -7.17
C SER B 148 28.73 12.21 -5.66
N ILE B 149 29.74 11.76 -4.91
CA ILE B 149 29.59 11.66 -3.46
C ILE B 149 29.25 13.01 -2.87
N ASP B 150 29.76 14.10 -3.46
CA ASP B 150 29.40 15.44 -2.99
C ASP B 150 27.94 15.74 -3.31
N GLU B 151 27.51 15.41 -4.53
CA GLU B 151 26.11 15.60 -4.92
C GLU B 151 25.19 14.71 -4.09
N SER B 152 25.58 13.46 -3.88
CA SER B 152 24.75 12.52 -3.13
C SER B 152 24.59 12.96 -1.68
N LEU B 153 25.70 13.36 -1.04
CA LEU B 153 25.63 13.78 0.36
C LEU B 153 24.71 14.99 0.54
N GLU B 154 24.66 15.88 -0.45
CA GLU B 154 23.73 17.00 -0.38
C GLU B 154 22.28 16.51 -0.41
N ARG B 155 21.95 15.66 -1.38
CA ARG B 155 20.59 15.12 -1.46
C ARG B 155 20.23 14.30 -0.23
N LEU B 156 21.19 13.52 0.27
CA LEU B 156 20.94 12.70 1.46
C LEU B 156 21.04 13.48 2.76
N GLN B 157 21.55 14.72 2.72
CA GLN B 157 21.75 15.54 3.92
C GLN B 157 22.60 14.81 4.96
N LEU B 158 23.59 14.06 4.47
CA LEU B 158 24.49 13.30 5.32
C LEU B 158 25.91 13.83 5.22
N ASP B 159 26.69 13.59 6.26
CA ASP B 159 28.11 13.91 6.24
C ASP B 159 28.95 12.81 5.63
N TYR B 160 28.41 11.60 5.54
CA TYR B 160 29.12 10.47 4.97
C TYR B 160 28.12 9.36 4.66
N VAL B 161 28.50 8.51 3.72
CA VAL B 161 27.79 7.25 3.46
C VAL B 161 28.71 6.12 3.88
N ASP B 162 28.12 5.05 4.41
CA ASP B 162 28.93 3.92 4.86
C ASP B 162 29.54 3.17 3.69
N ILE B 163 28.76 2.96 2.64
CA ILE B 163 29.22 2.24 1.45
C ILE B 163 28.90 3.06 0.22
N LEU B 164 29.88 3.20 -0.67
CA LEU B 164 29.69 3.73 -2.01
C LEU B 164 30.05 2.64 -3.00
N GLN B 165 29.11 2.26 -3.85
CA GLN B 165 29.26 1.12 -4.74
C GLN B 165 29.16 1.56 -6.19
N CYS B 166 29.97 0.93 -7.04
CA CYS B 166 29.87 1.16 -8.48
C CYS B 166 28.58 0.54 -8.99
N HIS B 167 27.77 1.34 -9.68
CA HIS B 167 26.42 0.95 -10.06
C HIS B 167 26.45 0.33 -11.46
N ASP B 168 26.21 -0.98 -11.53
CA ASP B 168 26.06 -1.72 -12.78
C ASP B 168 27.31 -1.56 -13.65
N ILE B 169 28.40 -2.16 -13.18
CA ILE B 169 29.67 -2.07 -13.88
C ILE B 169 29.64 -2.82 -15.21
N GLU B 170 28.66 -3.70 -15.42
CA GLU B 170 28.57 -4.42 -16.69
C GLU B 170 28.23 -3.50 -17.87
N PHE B 171 27.80 -2.27 -17.61
CA PHE B 171 27.58 -1.29 -18.66
C PHE B 171 28.80 -0.45 -18.96
N GLY B 172 29.86 -0.57 -18.15
CA GLY B 172 31.11 0.11 -18.40
C GLY B 172 32.23 -0.88 -18.73
N SER B 173 33.39 -0.32 -19.00
CA SER B 173 34.60 -1.12 -19.20
C SER B 173 35.10 -1.61 -17.85
N LEU B 174 35.13 -2.93 -17.67
CA LEU B 174 35.57 -3.49 -16.39
C LEU B 174 37.02 -3.12 -16.10
N ASP B 175 37.82 -2.90 -17.15
CA ASP B 175 39.19 -2.43 -16.95
C ASP B 175 39.22 -1.03 -16.34
N GLN B 176 38.26 -0.18 -16.72
CA GLN B 176 38.15 1.13 -16.10
C GLN B 176 37.81 1.02 -14.62
N ILE B 177 36.90 0.11 -14.27
CA ILE B 177 36.53 -0.08 -12.87
C ILE B 177 37.74 -0.50 -12.04
N VAL B 178 38.55 -1.42 -12.57
CA VAL B 178 39.69 -1.93 -11.81
C VAL B 178 40.77 -0.87 -11.66
N ASN B 179 41.06 -0.14 -12.74
CA ASN B 179 42.21 0.74 -12.78
C ASN B 179 41.90 2.20 -12.46
N GLU B 180 40.66 2.64 -12.63
CA GLU B 180 40.32 4.05 -12.41
C GLU B 180 39.25 4.23 -11.33
N THR B 181 38.09 3.59 -11.48
CA THR B 181 36.97 3.87 -10.58
C THR B 181 37.29 3.44 -9.15
N ILE B 182 37.69 2.18 -8.97
CA ILE B 182 37.99 1.69 -7.62
C ILE B 182 39.16 2.43 -6.99
N PRO B 183 40.30 2.64 -7.66
CA PRO B 183 41.36 3.48 -7.06
C PRO B 183 40.90 4.87 -6.70
N ALA B 184 39.91 5.42 -7.43
CA ALA B 184 39.39 6.74 -7.09
C ALA B 184 38.58 6.68 -5.80
N LEU B 185 37.70 5.67 -5.68
CA LEU B 185 36.89 5.54 -4.47
C LEU B 185 37.76 5.25 -3.25
N LEU B 186 38.92 4.62 -3.45
CA LEU B 186 39.86 4.42 -2.36
C LEU B 186 40.33 5.76 -1.79
N LYS B 187 40.51 6.75 -2.67
CA LYS B 187 40.92 8.08 -2.20
C LYS B 187 39.79 8.75 -1.43
N LEU B 188 38.54 8.57 -1.88
CA LEU B 188 37.40 9.11 -1.15
C LEU B 188 37.29 8.51 0.24
N LYS B 189 37.66 7.23 0.39
CA LYS B 189 37.64 6.61 1.72
C LYS B 189 38.59 7.32 2.68
N GLN B 190 39.70 7.85 2.17
CA GLN B 190 40.61 8.62 3.02
C GLN B 190 39.96 9.91 3.49
N THR B 191 39.19 10.57 2.63
CA THR B 191 38.53 11.82 2.97
C THR B 191 37.45 11.66 4.02
N GLY B 192 37.05 10.43 4.33
CA GLY B 192 36.00 10.18 5.29
C GLY B 192 34.59 10.31 4.76
N LYS B 193 34.41 10.69 3.48
CA LYS B 193 33.07 10.80 2.93
C LYS B 193 32.45 9.43 2.71
N ILE B 194 33.27 8.41 2.45
CA ILE B 194 32.81 7.03 2.39
C ILE B 194 33.73 6.20 3.27
N ARG B 195 33.22 5.03 3.69
CA ARG B 195 33.98 4.14 4.56
C ARG B 195 34.26 2.78 3.95
N PHE B 196 33.47 2.33 2.99
CA PHE B 196 33.69 1.03 2.35
C PHE B 196 33.26 1.12 0.89
N ILE B 197 33.91 0.31 0.06
CA ILE B 197 33.73 0.34 -1.39
C ILE B 197 33.00 -0.92 -1.83
N GLY B 198 32.09 -0.77 -2.79
CA GLY B 198 31.35 -1.91 -3.32
C GLY B 198 31.30 -1.88 -4.84
N ILE B 199 30.91 -3.02 -5.40
CA ILE B 199 30.61 -3.15 -6.82
C ILE B 199 29.32 -3.94 -6.97
N THR B 200 28.51 -3.55 -7.94
CA THR B 200 27.18 -4.15 -8.13
C THR B 200 26.98 -4.52 -9.59
N GLY B 201 25.99 -5.37 -9.83
CA GLY B 201 25.61 -5.73 -11.17
C GLY B 201 24.88 -7.05 -11.21
N LEU B 202 24.38 -7.38 -12.39
CA LEU B 202 23.60 -8.60 -12.58
C LEU B 202 24.48 -9.80 -12.88
N PRO B 203 25.27 -9.82 -13.96
CA PRO B 203 26.02 -11.04 -14.28
C PRO B 203 27.08 -11.29 -13.21
N LEU B 204 27.04 -12.50 -12.64
CA LEU B 204 27.95 -12.83 -11.55
C LEU B 204 29.42 -12.78 -11.99
N GLY B 205 29.69 -12.86 -13.29
CA GLY B 205 31.06 -12.86 -13.75
C GLY B 205 31.80 -11.56 -13.51
N ILE B 206 31.07 -10.44 -13.43
CA ILE B 206 31.71 -9.16 -13.17
C ILE B 206 32.34 -9.11 -11.79
N PHE B 207 31.86 -9.93 -10.85
CA PHE B 207 32.42 -9.93 -9.51
C PHE B 207 33.77 -10.66 -9.48
N THR B 208 33.87 -11.80 -10.15
CA THR B 208 35.15 -12.51 -10.21
C THR B 208 36.17 -11.73 -11.03
N TYR B 209 35.73 -11.15 -12.16
CA TYR B 209 36.64 -10.39 -13.01
C TYR B 209 37.30 -9.26 -12.24
N VAL B 210 36.49 -8.46 -11.54
CA VAL B 210 37.03 -7.30 -10.82
C VAL B 210 37.89 -7.76 -9.64
N LEU B 211 37.36 -8.65 -8.81
CA LEU B 211 38.06 -9.07 -7.60
C LEU B 211 39.33 -9.85 -7.89
N ASP B 212 39.45 -10.46 -9.08
CA ASP B 212 40.70 -11.15 -9.41
C ASP B 212 41.84 -10.18 -9.67
N ARG B 213 41.52 -8.94 -10.06
CA ARG B 213 42.52 -8.01 -10.58
C ARG B 213 42.74 -6.80 -9.69
N VAL B 214 42.06 -6.70 -8.56
CA VAL B 214 42.20 -5.53 -7.68
C VAL B 214 43.07 -5.90 -6.47
N PRO B 215 43.78 -4.93 -5.90
CA PRO B 215 44.54 -5.19 -4.66
C PRO B 215 43.63 -5.68 -3.56
N PRO B 216 44.08 -6.63 -2.75
CA PRO B 216 43.24 -7.15 -1.67
C PRO B 216 42.81 -6.06 -0.70
N GLY B 217 41.51 -6.01 -0.41
CA GLY B 217 40.95 -4.99 0.44
C GLY B 217 40.44 -3.76 -0.28
N SER B 218 40.63 -3.67 -1.59
CA SER B 218 40.13 -2.51 -2.34
C SER B 218 38.61 -2.47 -2.31
N VAL B 219 37.96 -3.61 -2.55
CA VAL B 219 36.52 -3.73 -2.53
C VAL B 219 36.13 -4.40 -1.21
N ASP B 220 35.14 -3.82 -0.52
CA ASP B 220 34.71 -4.32 0.77
C ASP B 220 33.37 -5.04 0.74
N VAL B 221 32.53 -4.77 -0.25
CA VAL B 221 31.16 -5.24 -0.28
C VAL B 221 30.78 -5.53 -1.73
N VAL B 222 29.96 -6.57 -1.92
CA VAL B 222 29.43 -6.92 -3.24
C VAL B 222 27.91 -6.95 -3.13
N LEU B 223 27.25 -6.31 -4.09
CA LEU B 223 25.79 -6.27 -4.16
C LEU B 223 25.34 -6.95 -5.44
N SER B 224 24.74 -8.12 -5.33
CA SER B 224 24.16 -8.84 -6.45
C SER B 224 22.65 -8.80 -6.33
N TYR B 225 21.97 -9.02 -7.47
CA TYR B 225 20.52 -9.04 -7.48
C TYR B 225 20.03 -10.06 -8.50
N CYS B 226 18.82 -10.57 -8.26
CA CYS B 226 18.14 -11.53 -9.11
C CYS B 226 18.87 -12.86 -9.21
N HIS B 227 19.78 -13.16 -8.27
CA HIS B 227 20.51 -14.42 -8.28
C HIS B 227 20.46 -15.15 -6.95
N PHE B 228 19.56 -14.76 -6.03
CA PHE B 228 19.30 -15.56 -4.83
C PHE B 228 17.80 -15.43 -4.53
N SER B 229 17.00 -16.13 -5.33
CA SER B 229 15.57 -16.27 -5.11
C SER B 229 15.20 -17.71 -5.45
N ILE B 230 13.90 -18.01 -5.38
CA ILE B 230 13.46 -19.39 -5.59
C ILE B 230 13.80 -19.85 -7.01
N ASN B 231 13.68 -18.96 -7.99
CA ASN B 231 13.93 -19.31 -9.38
C ASN B 231 15.43 -19.32 -9.72
N ASP B 232 16.25 -18.57 -8.98
CA ASP B 232 17.66 -18.43 -9.32
C ASP B 232 18.43 -18.27 -8.02
N ASN B 233 19.29 -19.24 -7.72
CA ASN B 233 20.12 -19.23 -6.53
C ASN B 233 21.60 -19.38 -6.89
N THR B 234 21.99 -18.93 -8.09
CA THR B 234 23.36 -19.09 -8.55
C THR B 234 24.36 -18.26 -7.75
N LEU B 235 23.88 -17.34 -6.91
CA LEU B 235 24.79 -16.60 -6.03
C LEU B 235 25.49 -17.52 -5.04
N GLU B 236 24.92 -18.71 -4.77
CA GLU B 236 25.56 -19.66 -3.88
C GLU B 236 26.94 -20.06 -4.38
N ASP B 237 27.10 -20.21 -5.69
CA ASP B 237 28.38 -20.60 -6.26
C ASP B 237 29.47 -19.58 -5.95
N LEU B 238 29.09 -18.31 -5.80
CA LEU B 238 30.05 -17.24 -5.58
C LEU B 238 30.41 -17.04 -4.12
N LEU B 239 29.59 -17.53 -3.19
CA LEU B 239 29.83 -17.28 -1.76
C LEU B 239 31.19 -17.79 -1.29
N PRO B 240 31.62 -19.02 -1.57
CA PRO B 240 32.96 -19.43 -1.10
C PRO B 240 34.08 -18.59 -1.68
N TYR B 241 33.94 -18.15 -2.93
CA TYR B 241 34.94 -17.26 -3.53
C TYR B 241 35.00 -15.94 -2.78
N LEU B 242 33.84 -15.33 -2.53
CA LEU B 242 33.79 -14.03 -1.86
C LEU B 242 34.24 -14.14 -0.41
N LYS B 243 33.84 -15.21 0.27
CA LYS B 243 34.21 -15.39 1.68
C LYS B 243 35.71 -15.55 1.85
N SER B 244 36.39 -16.13 0.87
CA SER B 244 37.85 -16.27 0.95
C SER B 244 38.55 -14.91 0.94
N LYS B 245 37.93 -13.90 0.36
CA LYS B 245 38.52 -12.57 0.26
C LYS B 245 37.97 -11.58 1.27
N GLY B 246 37.12 -12.03 2.19
CA GLY B 246 36.57 -11.15 3.20
C GLY B 246 35.63 -10.09 2.67
N VAL B 247 35.08 -10.30 1.48
CA VAL B 247 34.19 -9.31 0.87
C VAL B 247 32.79 -9.52 1.40
N GLY B 248 32.14 -8.44 1.82
CA GLY B 248 30.75 -8.53 2.24
C GLY B 248 29.83 -8.82 1.08
N ILE B 249 28.79 -9.59 1.36
CA ILE B 249 27.86 -10.07 0.34
C ILE B 249 26.48 -9.55 0.67
N ILE B 250 25.90 -8.80 -0.26
CA ILE B 250 24.54 -8.29 -0.13
C ILE B 250 23.75 -8.73 -1.35
N SER B 251 22.61 -9.37 -1.12
CA SER B 251 21.73 -9.78 -2.19
C SER B 251 20.56 -8.82 -2.30
N ALA B 252 19.89 -8.85 -3.45
CA ALA B 252 18.78 -7.94 -3.72
C ALA B 252 17.82 -8.63 -4.67
N SER B 253 16.71 -7.95 -4.92
CA SER B 253 15.62 -8.48 -5.74
C SER B 253 15.22 -9.89 -5.32
N PRO B 254 14.77 -10.09 -4.08
CA PRO B 254 14.34 -11.43 -3.65
C PRO B 254 13.09 -11.90 -4.37
N LEU B 255 12.30 -10.98 -4.93
CA LEU B 255 11.11 -11.31 -5.68
C LEU B 255 11.33 -11.27 -7.18
N ALA B 256 12.59 -11.28 -7.61
CA ALA B 256 12.97 -11.23 -9.02
C ALA B 256 12.34 -10.02 -9.72
N MET B 257 12.31 -8.89 -9.00
CA MET B 257 11.77 -7.63 -9.52
C MET B 257 10.32 -7.77 -9.97
N GLY B 258 9.53 -8.51 -9.18
CA GLY B 258 8.12 -8.66 -9.43
C GLY B 258 7.70 -10.02 -9.96
N LEU B 259 8.64 -10.84 -10.44
CA LEU B 259 8.28 -12.16 -10.93
C LEU B 259 7.65 -13.01 -9.85
N LEU B 260 8.12 -12.88 -8.62
CA LEU B 260 7.62 -13.67 -7.50
C LEU B 260 6.63 -12.87 -6.67
N THR B 261 5.65 -12.26 -7.34
CA THR B 261 4.57 -11.52 -6.71
C THR B 261 3.25 -11.93 -7.34
N GLU B 262 2.18 -11.78 -6.57
CA GLU B 262 0.86 -12.14 -7.10
C GLU B 262 0.43 -11.20 -8.21
N GLY B 263 0.78 -9.91 -8.11
CA GLY B 263 0.44 -8.97 -9.16
C GLY B 263 1.11 -9.30 -10.48
N GLY B 264 2.35 -9.78 -10.43
CA GLY B 264 3.07 -10.18 -11.62
C GLY B 264 4.22 -9.25 -11.94
N PRO B 265 5.01 -9.62 -12.95
CA PRO B 265 6.15 -8.78 -13.35
C PRO B 265 5.69 -7.60 -14.18
N PRO B 266 6.46 -6.51 -14.20
CA PRO B 266 6.11 -5.37 -15.06
C PRO B 266 6.33 -5.70 -16.52
N GLU B 267 5.85 -4.80 -17.38
CA GLU B 267 5.99 -5.01 -18.83
C GLU B 267 7.44 -4.88 -19.28
N TRP B 268 8.24 -4.09 -18.57
CA TRP B 268 9.64 -3.91 -18.94
C TRP B 268 10.54 -5.02 -18.42
N HIS B 269 10.01 -6.00 -17.71
CA HIS B 269 10.85 -7.03 -17.12
C HIS B 269 11.54 -7.83 -18.21
N PRO B 270 12.86 -8.03 -18.13
CA PRO B 270 13.58 -8.62 -19.27
C PRO B 270 13.70 -10.14 -19.19
N ALA B 271 12.88 -10.78 -18.36
CA ALA B 271 12.96 -12.22 -18.22
C ALA B 271 12.45 -12.90 -19.49
N PRO B 272 13.03 -14.04 -19.87
CA PRO B 272 12.51 -14.79 -21.00
C PRO B 272 11.10 -15.26 -20.71
N PRO B 273 10.25 -15.39 -21.74
CA PRO B 273 8.86 -15.80 -21.50
C PRO B 273 8.72 -17.13 -20.78
N GLU B 274 9.72 -18.02 -20.88
CA GLU B 274 9.64 -19.28 -20.15
C GLU B 274 9.72 -19.06 -18.66
N LEU B 275 10.53 -18.09 -18.22
CA LEU B 275 10.63 -17.81 -16.78
C LEU B 275 9.39 -17.06 -16.28
N LYS B 276 8.89 -16.10 -17.05
CA LYS B 276 7.73 -15.33 -16.62
C LYS B 276 6.49 -16.22 -16.51
N SER B 277 6.33 -17.16 -17.44
CA SER B 277 5.21 -18.08 -17.38
C SER B 277 5.31 -19.00 -16.17
N ALA B 278 6.50 -19.55 -15.93
CA ALA B 278 6.70 -20.39 -14.75
C ALA B 278 6.45 -19.63 -13.46
N CYS B 279 6.85 -18.35 -13.43
CA CYS B 279 6.66 -17.55 -12.21
C CYS B 279 5.19 -17.24 -11.98
N GLN B 280 4.45 -16.96 -13.05
CA GLN B 280 3.03 -16.62 -12.90
C GLN B 280 2.23 -17.83 -12.43
N ASP B 281 2.59 -19.03 -12.91
CA ASP B 281 1.91 -20.24 -12.45
C ASP B 281 2.23 -20.54 -10.99
N ALA B 282 3.45 -20.24 -10.54
CA ALA B 282 3.80 -20.49 -9.15
C ALA B 282 3.14 -19.51 -8.21
N ALA B 283 2.92 -18.27 -8.66
CA ALA B 283 2.20 -17.31 -7.83
C ALA B 283 0.73 -17.68 -7.70
N ALA B 284 0.12 -18.13 -8.79
CA ALA B 284 -1.27 -18.58 -8.73
C ALA B 284 -1.43 -19.82 -7.86
N PHE B 285 -0.48 -20.77 -7.97
CA PHE B 285 -0.53 -21.96 -7.13
C PHE B 285 -0.54 -21.60 -5.65
N CYS B 286 0.26 -20.62 -5.25
CA CYS B 286 0.23 -20.16 -3.85
C CYS B 286 -1.10 -19.49 -3.53
N GLN B 287 -1.65 -18.74 -4.49
CA GLN B 287 -2.92 -18.06 -4.25
C GLN B 287 -4.05 -19.07 -4.11
N LYS B 288 -4.05 -20.11 -4.95
CA LYS B 288 -5.07 -21.15 -4.85
C LYS B 288 -5.05 -21.81 -3.47
N LYS B 289 -3.85 -22.04 -2.93
CA LYS B 289 -3.68 -22.57 -1.59
C LYS B 289 -3.85 -21.50 -0.51
N GLY B 290 -4.37 -20.33 -0.87
CA GLY B 290 -4.56 -19.24 0.07
C GLY B 290 -3.28 -18.78 0.72
N LYS B 291 -2.20 -18.68 -0.06
CA LYS B 291 -0.91 -18.22 0.42
C LYS B 291 -0.39 -17.12 -0.49
N ASN B 292 0.71 -16.50 -0.06
CA ASN B 292 1.37 -15.43 -0.81
C ASN B 292 2.77 -15.91 -1.15
N ILE B 293 3.07 -15.98 -2.45
CA ILE B 293 4.39 -16.40 -2.89
C ILE B 293 5.46 -15.40 -2.49
N SER B 294 5.08 -14.14 -2.24
CA SER B 294 6.07 -13.13 -1.86
C SER B 294 6.70 -13.43 -0.51
N LYS B 295 5.92 -13.95 0.43
CA LYS B 295 6.48 -14.30 1.74
C LYS B 295 7.45 -15.47 1.63
N LEU B 296 7.05 -16.51 0.90
CA LEU B 296 7.93 -17.66 0.71
C LEU B 296 9.21 -17.26 0.00
N ALA B 297 9.11 -16.40 -1.02
CA ALA B 297 10.28 -15.98 -1.76
C ALA B 297 11.24 -15.17 -0.89
N MET B 298 10.69 -14.31 -0.04
CA MET B 298 11.54 -13.51 0.85
C MET B 298 12.20 -14.39 1.91
N GLN B 299 11.45 -15.35 2.47
CA GLN B 299 12.03 -16.25 3.45
C GLN B 299 13.16 -17.08 2.85
N TYR B 300 12.99 -17.52 1.60
CA TYR B 300 14.04 -18.29 0.93
C TYR B 300 15.32 -17.48 0.82
N SER B 301 15.21 -16.20 0.49
CA SER B 301 16.39 -15.36 0.31
C SER B 301 17.16 -15.16 1.61
N LEU B 302 16.56 -15.45 2.75
CA LEU B 302 17.19 -15.27 4.05
C LEU B 302 17.69 -16.59 4.65
N THR B 303 17.66 -17.68 3.89
CA THR B 303 18.03 -18.98 4.41
C THR B 303 19.53 -19.22 4.45
N ASN B 304 20.33 -18.35 3.83
CA ASN B 304 21.78 -18.48 3.81
C ASN B 304 22.36 -17.27 4.55
N LYS B 305 22.82 -17.51 5.78
CA LYS B 305 23.32 -16.42 6.62
C LYS B 305 24.73 -15.98 6.25
N ASP B 306 25.29 -16.51 5.16
CA ASP B 306 26.49 -15.95 4.58
C ASP B 306 26.21 -14.73 3.70
N ILE B 307 24.96 -14.49 3.36
CA ILE B 307 24.53 -13.24 2.74
C ILE B 307 24.15 -12.29 3.86
N SER B 308 24.88 -11.16 3.95
CA SER B 308 24.73 -10.29 5.11
C SER B 308 23.37 -9.61 5.14
N SER B 309 22.82 -9.27 3.98
CA SER B 309 21.52 -8.61 3.94
C SER B 309 20.88 -8.84 2.59
N VAL B 310 19.55 -8.89 2.59
CA VAL B 310 18.75 -9.01 1.37
C VAL B 310 17.95 -7.72 1.23
N LEU B 311 18.30 -6.91 0.24
CA LEU B 311 17.59 -5.68 -0.03
C LEU B 311 16.31 -5.97 -0.79
N VAL B 312 15.20 -5.41 -0.31
CA VAL B 312 13.91 -5.55 -0.97
C VAL B 312 13.26 -4.17 -1.06
N GLY B 313 12.70 -3.86 -2.21
CA GLY B 313 12.11 -2.55 -2.42
C GLY B 313 10.85 -2.35 -1.58
N MET B 314 10.76 -1.20 -0.93
CA MET B 314 9.60 -0.88 -0.09
C MET B 314 9.24 0.58 -0.26
N ASN B 315 7.98 0.83 -0.62
CA ASN B 315 7.44 2.18 -0.69
C ASN B 315 6.20 2.35 0.15
N SER B 316 5.79 1.32 0.88
CA SER B 316 4.59 1.36 1.71
C SER B 316 4.89 0.73 3.06
N VAL B 317 4.14 1.16 4.08
CA VAL B 317 4.27 0.57 5.41
C VAL B 317 3.97 -0.92 5.37
N LYS B 318 2.97 -1.32 4.57
CA LYS B 318 2.62 -2.73 4.47
C LYS B 318 3.79 -3.56 3.95
N GLN B 319 4.47 -3.07 2.92
CA GLN B 319 5.59 -3.83 2.34
C GLN B 319 6.71 -4.02 3.35
N VAL B 320 7.01 -2.99 4.15
CA VAL B 320 8.05 -3.11 5.16
C VAL B 320 7.67 -4.17 6.19
N GLY B 321 6.48 -4.03 6.78
CA GLY B 321 6.05 -4.98 7.79
C GLY B 321 5.85 -6.38 7.26
N GLU B 322 5.40 -6.51 6.01
CA GLU B 322 5.21 -7.82 5.41
C GLU B 322 6.54 -8.57 5.30
N ASN B 323 7.57 -7.89 4.78
CA ASN B 323 8.85 -8.56 4.56
C ASN B 323 9.58 -8.80 5.87
N VAL B 324 9.50 -7.85 6.80
CA VAL B 324 10.15 -8.02 8.10
C VAL B 324 9.49 -9.16 8.87
N ALA B 325 8.16 -9.24 8.83
CA ALA B 325 7.46 -10.32 9.52
C ALA B 325 7.80 -11.68 8.92
N ALA B 326 8.04 -11.72 7.61
CA ALA B 326 8.49 -12.97 6.99
C ALA B 326 9.85 -13.38 7.53
N ALA B 327 10.72 -12.40 7.80
CA ALA B 327 12.02 -12.71 8.40
C ALA B 327 11.86 -13.26 9.81
N ILE B 328 11.03 -12.59 10.63
CA ILE B 328 10.77 -13.10 11.98
C ILE B 328 10.07 -14.45 11.93
N GLU B 329 9.11 -14.61 11.01
CA GLU B 329 8.40 -15.88 10.88
C GLU B 329 9.34 -17.00 10.47
N LEU B 330 10.33 -16.69 9.61
CA LEU B 330 11.31 -17.68 9.22
C LEU B 330 12.07 -18.23 10.42
N VAL B 331 12.45 -17.35 11.36
CA VAL B 331 13.24 -17.77 12.50
C VAL B 331 12.38 -18.45 13.56
N SER B 332 11.13 -18.00 13.71
CA SER B 332 10.29 -18.50 14.80
C SER B 332 9.39 -19.66 14.37
N ALA B 333 8.89 -19.64 13.14
CA ALA B 333 8.00 -20.68 12.66
C ALA B 333 8.58 -21.52 11.54
N GLY B 334 9.76 -21.16 11.03
CA GLY B 334 10.34 -21.89 9.93
C GLY B 334 9.72 -21.52 8.60
N MET B 335 10.08 -22.28 7.59
CA MET B 335 9.61 -22.09 6.23
C MET B 335 8.74 -23.26 5.83
N ASP B 336 7.69 -22.99 5.06
CA ASP B 336 6.85 -24.07 4.56
C ASP B 336 7.60 -24.83 3.47
N GLN B 337 8.29 -25.90 3.84
CA GLN B 337 9.07 -26.66 2.86
C GLN B 337 8.15 -27.36 1.87
N GLU B 338 6.97 -27.77 2.31
CA GLU B 338 6.02 -28.41 1.40
C GLU B 338 5.57 -27.42 0.33
N MET B 339 5.30 -26.18 0.72
CA MET B 339 4.96 -25.15 -0.26
C MET B 339 6.13 -24.87 -1.19
N LEU B 340 7.34 -24.76 -0.62
CA LEU B 340 8.53 -24.49 -1.42
C LEU B 340 8.82 -25.62 -2.40
N SER B 341 8.68 -26.86 -1.94
CA SER B 341 8.94 -28.00 -2.83
C SER B 341 7.98 -28.00 -4.01
N GLU B 342 6.72 -27.63 -3.77
CA GLU B 342 5.74 -27.61 -4.86
C GLU B 342 6.00 -26.44 -5.80
N VAL B 343 6.35 -25.27 -5.25
CA VAL B 343 6.64 -24.11 -6.09
C VAL B 343 7.90 -24.33 -6.90
N GLU B 344 8.94 -24.90 -6.28
CA GLU B 344 10.18 -25.14 -7.02
C GLU B 344 9.99 -26.12 -8.16
N ALA B 345 9.06 -27.07 -8.03
CA ALA B 345 8.77 -27.96 -9.13
C ALA B 345 8.10 -27.21 -10.28
N ILE B 346 7.21 -26.26 -9.95
CA ILE B 346 6.58 -25.44 -10.97
C ILE B 346 7.60 -24.50 -11.63
N LEU B 347 8.60 -24.05 -10.87
CA LEU B 347 9.60 -23.12 -11.37
C LEU B 347 10.78 -23.82 -12.04
N LYS B 348 10.77 -25.15 -12.12
CA LYS B 348 11.87 -25.87 -12.77
C LYS B 348 12.13 -25.45 -14.22
N PRO B 349 11.12 -25.21 -15.07
CA PRO B 349 11.43 -24.79 -16.45
C PRO B 349 12.22 -23.50 -16.53
N GLY B 350 12.08 -22.59 -15.57
CA GLY B 350 12.79 -21.33 -15.63
C GLY B 350 13.89 -21.20 -14.61
N LYS B 351 14.32 -22.32 -14.04
CA LYS B 351 15.33 -22.30 -12.99
C LYS B 351 16.66 -21.82 -13.53
N ASN B 352 17.23 -20.82 -12.85
CA ASN B 352 18.54 -20.25 -13.14
C ASN B 352 18.62 -19.58 -14.51
N LEU B 353 17.48 -19.37 -15.18
CA LEU B 353 17.48 -18.63 -16.42
C LEU B 353 17.70 -17.16 -16.13
N THR B 354 18.75 -16.58 -16.70
CA THR B 354 19.04 -15.16 -16.52
C THR B 354 18.67 -14.42 -17.82
N TRP B 355 19.22 -13.23 -17.99
CA TRP B 355 18.97 -12.44 -19.18
C TRP B 355 20.17 -11.55 -19.43
N PRO B 356 20.34 -11.07 -20.66
CA PRO B 356 21.49 -10.20 -20.96
C PRO B 356 21.40 -8.88 -20.22
N SER B 357 22.56 -8.37 -19.80
CA SER B 357 22.65 -7.06 -19.17
C SER B 357 24.03 -6.48 -19.48
N GLY B 358 24.04 -5.26 -20.00
CA GLY B 358 25.28 -4.56 -20.29
C GLY B 358 25.66 -4.69 -21.75
N ILE B 359 26.82 -4.12 -22.08
CA ILE B 359 27.37 -4.27 -23.41
C ILE B 359 28.34 -5.44 -23.45
PA NAD C . -15.21 0.72 -3.74
O1A NAD C . -15.93 1.41 -4.84
O2A NAD C . -15.05 -0.76 -3.81
O5B NAD C . -13.49 1.30 -3.88
C5B NAD C . -12.65 1.21 -2.81
C4B NAD C . -11.85 -0.18 -2.81
O4B NAD C . -10.89 -0.32 -3.90
C3B NAD C . -11.12 -0.30 -1.48
O3B NAD C . -11.74 -1.29 -0.70
C2B NAD C . -9.64 -0.63 -1.95
O2B NAD C . -9.47 -2.00 -1.81
C1B NAD C . -9.56 -0.21 -3.47
N9A NAD C . -9.06 1.25 -3.72
C8A NAD C . -9.19 2.38 -2.83
N7A NAD C . -8.65 3.50 -3.35
C5A NAD C . -8.13 3.18 -4.63
C6A NAD C . -7.44 3.95 -5.66
N6A NAD C . -7.14 5.32 -5.54
N1A NAD C . -7.07 3.28 -6.82
C2A NAD C . -7.37 1.92 -6.94
N3A NAD C . -8.00 1.14 -6.03
C4A NAD C . -8.39 1.78 -4.86
O3 NAD C . -15.79 1.10 -2.14
PN NAD C . -15.90 0.15 -0.80
O1N NAD C . -16.65 -1.14 -0.98
O2N NAD C . -14.61 0.04 -0.07
O5D NAD C . -16.97 0.99 0.50
C5D NAD C . -16.68 2.18 1.03
C4D NAD C . -17.27 2.30 2.50
O4D NAD C . -18.74 2.32 2.60
C3D NAD C . -16.83 1.07 3.26
O3D NAD C . -15.51 1.26 3.66
C2D NAD C . -17.89 1.11 4.43
O2D NAD C . -17.44 1.91 5.45
C1D NAD C . -19.17 1.79 3.78
N1N NAD C . -20.37 0.65 3.41
C2N NAD C . -20.14 -0.44 2.60
C3N NAD C . -21.16 -1.39 2.29
C7N NAD C . -20.88 -2.66 1.35
O7N NAD C . -21.55 -3.69 1.54
N7N NAD C . -19.92 -2.63 0.33
C4N NAD C . -22.43 -1.15 2.86
C5N NAD C . -22.69 -0.03 3.70
C6N NAD C . -21.63 0.85 3.95
PA NAD D . 12.39 -6.85 -5.58
O1A NAD D . 12.43 -8.26 -6.05
O2A NAD D . 12.96 -6.51 -4.25
O5B NAD D . 10.62 -6.49 -5.36
C5B NAD D . 9.83 -6.21 -6.44
C4B NAD D . 8.82 -5.02 -6.12
O4B NAD D . 7.54 -5.44 -5.58
C3B NAD D . 9.49 -4.12 -5.09
O3B NAD D . 10.34 -3.22 -5.73
C2B NAD D . 8.19 -3.49 -4.44
O2B NAD D . 7.80 -2.44 -5.26
C1B NAD D . 7.11 -4.66 -4.49
N9A NAD D . 7.08 -5.54 -3.19
C8A NAD D . 8.04 -5.51 -2.12
N7A NAD D . 7.73 -6.40 -1.15
C5A NAD D . 6.53 -7.08 -1.54
C6A NAD D . 5.72 -8.11 -0.93
N6A NAD D . 6.01 -8.71 0.31
N1A NAD D . 4.59 -8.54 -1.62
C2A NAD D . 4.30 -7.94 -2.85
N3A NAD D . 5.00 -6.97 -3.49
C4A NAD D . 6.13 -6.54 -2.82
O3 NAD D . 13.01 -5.66 -6.73
PN NAD D . 14.00 -4.35 -6.47
O1N NAD D . 15.30 -4.38 -7.23
O2N NAD D . 13.27 -3.06 -6.52
O5D NAD D . 14.66 -4.32 -4.72
C5D NAD D . 15.91 -4.67 -4.36
C4D NAD D . 16.80 -3.43 -3.91
O4D NAD D . 18.24 -3.57 -4.22
C3D NAD D . 16.30 -2.19 -4.64
O3D NAD D . 15.28 -1.62 -3.88
C2D NAD D . 17.64 -1.35 -4.69
O2D NAD D . 17.79 -0.64 -3.52
C1D NAD D . 18.78 -2.43 -4.75
N1N NAD D . 19.24 -2.82 -6.36
C2N NAD D . 20.54 -2.63 -6.80
C3N NAD D . 20.93 -2.96 -8.15
C7N NAD D . 22.42 -2.74 -8.66
O7N NAD D . 23.17 -2.05 -7.96
N7N NAD D . 22.89 -3.30 -9.87
C4N NAD D . 19.91 -3.47 -8.99
C5N NAD D . 18.58 -3.67 -8.53
C6N NAD D . 18.28 -3.33 -7.21
#